data_4CCO
#
_entry.id   4CCO
#
_cell.length_a   155.390
_cell.length_b   84.944
_cell.length_c   97.300
_cell.angle_alpha   90.00
_cell.angle_beta   100.30
_cell.angle_gamma   90.00
#
_symmetry.space_group_name_H-M   'C 1 2 1'
#
loop_
_entity.id
_entity.type
_entity.pdbx_description
1 polymer 'BIFUNCTIONAL LYSINE-SPECIFIC DEMETHYLASE AND HISTIDYL-HYDROXYLASE NO66'
2 polymer '60S RIBOSOMAL PROTEIN L8'
3 non-polymer 'MANGANESE (II) ION'
4 non-polymer N-OXALYLGLYCINE
5 non-polymer 1,2-ETHANEDIOL
6 water water
#
loop_
_entity_poly.entity_id
_entity_poly.type
_entity_poly.pdbx_seq_one_letter_code
_entity_poly.pdbx_strand_id
1 'polypeptide(L)'
;MSPLRRVLAELNRIPSSRRRAARLFEWLIAPMPPDHFYRRLWEREAVLVRRQDHTYYQGLFSTADLDSMLRNEEVQFGQH
LDAARYINGRRETLNPPGRALPAAAWSLYQAGCSLRLLCPQAFSTTVWQFLAVLQEQFGSMAGSNVYLTPPNSQGFAPHY
DDIEAFVLQLEGRKLWRVYRPRAPTEELALTCSPNFSQDDLGEPVLQTVLEPGDLLYFPRGFIHQAECQDGVHSLHLTLS
TYQRNTWGDFLEAILPLAVQAAMEENVEFRRGLPRDFMDYMGAQHSDSKDPRRTAFMEKVRVLVARLGHFAPVDAVADQR
AKDFIHDSLPPVLTDRERALSVYGLPIRWEAGEPVNVGAQLTTETEVHMLQDGIARLVGEGGHLFLYYTVENSRVYHLEE
PKCLEIYPQQADAMELLLGSYPEFVRVGDLPCDSVEDQLSLATTLYDKGLLLTKMPLALNAENLYFQ
;
A,B
2 'polypeptide(L)' NPVEHPFGGCNHQHIGKPST C,D
#
loop_
_chem_comp.id
_chem_comp.type
_chem_comp.name
_chem_comp.formula
EDO non-polymer 1,2-ETHANEDIOL 'C2 H6 O2'
MN non-polymer 'MANGANESE (II) ION' 'Mn 2'
OGA non-polymer N-OXALYLGLYCINE 'C4 H5 N O5'
#
# COMPACT_ATOMS: atom_id res chain seq x y z
N MET A 1 30.10 39.68 -23.22
CA MET A 1 29.71 38.31 -22.75
C MET A 1 28.92 38.40 -21.43
N SER A 2 27.66 37.96 -21.47
CA SER A 2 26.81 38.00 -20.28
C SER A 2 27.29 36.96 -19.27
N PRO A 3 26.97 37.17 -17.99
CA PRO A 3 27.38 36.23 -16.94
C PRO A 3 26.88 34.80 -17.21
N LEU A 4 25.68 34.67 -17.76
CA LEU A 4 25.13 33.34 -18.02
C LEU A 4 25.94 32.65 -19.10
N ARG A 5 26.15 33.34 -20.22
CA ARG A 5 26.93 32.76 -21.31
C ARG A 5 28.37 32.48 -20.87
N ARG A 6 28.88 33.29 -19.95
CA ARG A 6 30.23 33.11 -19.45
C ARG A 6 30.36 31.89 -18.55
N VAL A 7 29.36 31.64 -17.71
CA VAL A 7 29.41 30.48 -16.82
C VAL A 7 29.18 29.19 -17.62
N LEU A 8 28.39 29.27 -18.69
CA LEU A 8 28.14 28.11 -19.54
C LEU A 8 29.41 27.76 -20.29
N ALA A 9 30.11 28.78 -20.80
CA ALA A 9 31.35 28.54 -21.53
C ALA A 9 32.33 27.91 -20.55
N GLU A 10 32.25 28.36 -19.29
CA GLU A 10 33.09 27.82 -18.24
C GLU A 10 32.71 26.36 -17.91
N LEU A 11 31.42 26.05 -17.94
CA LEU A 11 30.99 24.68 -17.65
C LEU A 11 31.52 23.72 -18.72
N ASN A 12 31.55 24.18 -19.97
CA ASN A 12 32.06 23.37 -21.06
C ASN A 12 33.54 23.03 -20.89
N ARG A 13 34.20 23.71 -19.97
CA ARG A 13 35.62 23.46 -19.70
C ARG A 13 35.86 22.67 -18.41
N ILE A 14 34.79 22.45 -17.65
CA ILE A 14 34.88 21.69 -16.41
C ILE A 14 34.67 20.21 -16.73
N PRO A 15 35.69 19.38 -16.48
CA PRO A 15 35.65 17.94 -16.74
C PRO A 15 34.51 17.16 -16.11
N SER A 16 34.31 17.29 -14.79
CA SER A 16 33.25 16.54 -14.10
C SER A 16 31.85 17.16 -14.13
N SER A 17 30.85 16.32 -14.37
CA SER A 17 29.47 16.81 -14.41
C SER A 17 29.00 17.14 -13.01
N ARG A 18 29.60 16.50 -12.01
CA ARG A 18 29.25 16.75 -10.61
C ARG A 18 29.76 18.14 -10.24
N ARG A 19 31.02 18.40 -10.59
CA ARG A 19 31.64 19.69 -10.32
C ARG A 19 30.88 20.76 -11.13
N ARG A 20 30.48 20.39 -12.35
CA ARG A 20 29.77 21.31 -13.22
C ARG A 20 28.43 21.75 -12.60
N ALA A 21 27.72 20.81 -11.99
CA ALA A 21 26.43 21.09 -11.36
C ALA A 21 26.62 21.99 -10.16
N ALA A 22 27.64 21.69 -9.35
CA ALA A 22 27.93 22.48 -8.17
C ALA A 22 28.29 23.91 -8.57
N ARG A 23 29.07 24.05 -9.65
CA ARG A 23 29.46 25.37 -10.11
C ARG A 23 28.28 26.20 -10.62
N LEU A 24 27.37 25.58 -11.39
CA LEU A 24 26.23 26.34 -11.89
C LEU A 24 25.31 26.78 -10.74
N PHE A 25 25.15 25.95 -9.71
CA PHE A 25 24.29 26.38 -8.62
C PHE A 25 24.96 27.53 -7.87
N GLU A 26 26.28 27.46 -7.75
CA GLU A 26 27.04 28.50 -7.08
C GLU A 26 26.83 29.81 -7.84
N TRP A 27 26.76 29.72 -9.16
CA TRP A 27 26.53 30.89 -10.01
C TRP A 27 25.11 31.37 -9.80
N LEU A 28 24.18 30.43 -9.64
CA LEU A 28 22.77 30.77 -9.47
C LEU A 28 22.47 31.65 -8.26
N ILE A 29 23.15 31.43 -7.14
CA ILE A 29 22.90 32.23 -5.95
C ILE A 29 24.03 33.20 -5.56
N ALA A 30 25.02 33.37 -6.45
CA ALA A 30 26.14 34.27 -6.18
C ALA A 30 25.60 35.65 -5.78
N PRO A 31 26.27 36.32 -4.82
CA PRO A 31 27.48 35.91 -4.10
C PRO A 31 27.31 34.93 -2.94
N MET A 32 26.07 34.68 -2.53
CA MET A 32 25.83 33.77 -1.42
C MET A 32 26.47 32.39 -1.57
N PRO A 33 27.23 31.96 -0.57
CA PRO A 33 27.92 30.66 -0.55
C PRO A 33 26.90 29.52 -0.45
N PRO A 34 27.02 28.51 -1.33
CA PRO A 34 26.10 27.37 -1.33
C PRO A 34 25.98 26.64 0.01
N ASP A 35 27.11 26.41 0.67
CA ASP A 35 27.15 25.75 1.95
CA ASP A 35 27.04 25.67 1.92
C ASP A 35 26.18 26.46 2.92
N HIS A 36 26.29 27.79 2.91
CA HIS A 36 25.50 28.62 3.81
C HIS A 36 24.02 28.53 3.45
N PHE A 37 23.71 28.61 2.15
CA PHE A 37 22.33 28.54 1.69
C PHE A 37 21.66 27.25 2.13
N TYR A 38 22.34 26.12 1.93
CA TYR A 38 21.76 24.83 2.29
C TYR A 38 21.71 24.57 3.79
N ARG A 39 22.70 25.07 4.52
CA ARG A 39 22.75 24.87 5.95
C ARG A 39 21.75 25.75 6.71
N ARG A 40 21.62 26.99 6.26
CA ARG A 40 20.76 27.94 6.97
C ARG A 40 19.45 28.43 6.35
N LEU A 41 19.35 28.34 5.03
CA LEU A 41 18.18 28.89 4.36
C LEU A 41 17.26 27.91 3.65
N TRP A 42 17.84 26.88 3.04
CA TRP A 42 17.11 25.85 2.31
C TRP A 42 16.05 25.20 3.21
N GLU A 43 14.80 25.32 2.78
CA GLU A 43 13.65 24.75 3.47
C GLU A 43 13.36 25.45 4.80
N ARG A 44 13.93 26.62 4.97
CA ARG A 44 13.74 27.36 6.21
C ARG A 44 13.29 28.81 6.08
N GLU A 45 13.98 29.54 5.21
CA GLU A 45 13.72 30.97 5.04
C GLU A 45 13.54 31.42 3.61
N ALA A 46 12.88 32.55 3.44
CA ALA A 46 12.71 33.14 2.13
C ALA A 46 13.98 33.95 1.95
N VAL A 47 14.55 33.93 0.76
CA VAL A 47 15.79 34.64 0.48
C VAL A 47 15.69 35.52 -0.76
N LEU A 48 16.23 36.73 -0.67
CA LEU A 48 16.21 37.62 -1.82
C LEU A 48 17.66 37.92 -2.13
N VAL A 49 18.05 37.78 -3.40
CA VAL A 49 19.41 38.09 -3.80
C VAL A 49 19.34 39.26 -4.80
N ARG A 50 19.80 40.42 -4.34
CA ARG A 50 19.78 41.60 -5.21
CA ARG A 50 19.72 41.52 -5.28
C ARG A 50 21.11 41.47 -5.91
N ARG A 51 21.00 41.05 -7.18
CA ARG A 51 22.15 40.87 -8.04
C ARG A 51 22.94 42.15 -8.41
N GLN A 52 22.22 43.22 -8.71
CA GLN A 52 22.78 44.51 -9.13
C GLN A 52 23.44 44.31 -10.47
N ASP A 53 22.74 43.60 -11.35
CA ASP A 53 23.24 43.29 -12.69
C ASP A 53 22.06 42.84 -13.54
N HIS A 54 21.45 43.77 -14.26
CA HIS A 54 20.29 43.46 -15.10
C HIS A 54 20.57 42.46 -16.23
N THR A 55 21.83 42.13 -16.47
CA THR A 55 22.19 41.22 -17.55
C THR A 55 22.55 39.80 -17.09
N TYR A 56 22.53 39.57 -15.78
CA TYR A 56 22.91 38.26 -15.23
C TYR A 56 22.33 37.05 -15.96
N TYR A 57 21.04 37.10 -16.30
CA TYR A 57 20.39 35.96 -16.98
C TYR A 57 20.34 36.05 -18.50
N GLN A 58 20.86 37.13 -19.08
CA GLN A 58 20.84 37.29 -20.53
C GLN A 58 21.23 36.03 -21.29
N GLY A 59 20.31 35.55 -22.12
CA GLY A 59 20.54 34.35 -22.90
C GLY A 59 19.72 33.15 -22.45
N LEU A 60 19.16 33.21 -21.24
CA LEU A 60 18.36 32.11 -20.71
C LEU A 60 16.99 32.00 -21.36
N PHE A 61 16.24 33.10 -21.35
CA PHE A 61 14.91 33.11 -21.94
C PHE A 61 14.43 34.55 -21.98
N SER A 62 13.72 34.92 -23.04
CA SER A 62 13.20 36.27 -23.17
C SER A 62 11.78 36.19 -23.70
N THR A 63 11.13 37.34 -23.84
CA THR A 63 9.77 37.33 -24.37
C THR A 63 9.80 37.13 -25.88
N ALA A 64 10.93 37.46 -26.49
CA ALA A 64 11.08 37.28 -27.93
C ALA A 64 11.10 35.78 -28.22
N ASP A 65 11.69 35.01 -27.30
CA ASP A 65 11.75 33.56 -27.44
C ASP A 65 10.35 32.95 -27.37
N LEU A 66 9.53 33.45 -26.45
CA LEU A 66 8.17 32.95 -26.31
C LEU A 66 7.36 33.23 -27.58
N ASP A 67 7.53 34.44 -28.11
CA ASP A 67 6.84 34.86 -29.33
C ASP A 67 7.17 33.93 -30.51
N SER A 68 8.46 33.72 -30.76
CA SER A 68 8.92 32.85 -31.83
C SER A 68 8.40 31.42 -31.62
N MET A 69 8.27 31.01 -30.36
CA MET A 69 7.77 29.67 -30.05
C MET A 69 6.32 29.57 -30.52
N LEU A 70 5.55 30.60 -30.20
CA LEU A 70 4.14 30.65 -30.56
C LEU A 70 3.97 30.51 -32.09
N ARG A 71 4.76 31.25 -32.85
CA ARG A 71 4.63 31.19 -34.30
C ARG A 71 5.22 29.92 -34.91
N ASN A 72 6.40 29.51 -34.41
CA ASN A 72 7.10 28.37 -34.97
C ASN A 72 6.97 26.98 -34.35
N GLU A 73 6.16 26.82 -33.32
CA GLU A 73 6.01 25.52 -32.69
C GLU A 73 4.55 25.24 -32.40
N GLU A 74 4.23 23.99 -32.10
CA GLU A 74 2.87 23.59 -31.81
C GLU A 74 2.51 23.81 -30.35
N VAL A 75 2.42 25.07 -29.93
CA VAL A 75 2.08 25.40 -28.56
C VAL A 75 0.57 25.33 -28.38
N GLN A 76 0.17 24.57 -27.37
CA GLN A 76 -1.24 24.36 -27.06
C GLN A 76 -1.68 25.00 -25.76
N PHE A 77 -2.90 25.52 -25.73
CA PHE A 77 -3.43 26.11 -24.52
C PHE A 77 -3.74 24.92 -23.62
N GLY A 78 -3.59 25.08 -22.31
CA GLY A 78 -3.86 24.00 -21.38
C GLY A 78 -2.66 23.07 -21.25
N GLN A 79 -2.31 22.45 -22.35
CA GLN A 79 -1.20 21.51 -22.38
C GLN A 79 0.15 22.18 -22.20
N HIS A 80 0.39 23.25 -22.95
CA HIS A 80 1.66 23.97 -22.90
C HIS A 80 1.59 25.38 -22.36
N LEU A 81 0.47 26.06 -22.60
CA LEU A 81 0.33 27.44 -22.16
C LEU A 81 -1.00 27.79 -21.48
N ASP A 82 -0.88 28.45 -20.34
CA ASP A 82 -2.04 28.87 -19.56
C ASP A 82 -2.17 30.38 -19.62
N ALA A 83 -3.40 30.87 -19.53
CA ALA A 83 -3.66 32.31 -19.51
C ALA A 83 -4.61 32.57 -18.35
N ALA A 84 -4.13 33.33 -17.37
CA ALA A 84 -4.95 33.61 -16.20
C ALA A 84 -4.89 35.06 -15.77
N ARG A 85 -5.88 35.47 -14.97
CA ARG A 85 -5.89 36.82 -14.43
C ARG A 85 -6.59 36.80 -13.08
N TYR A 86 -6.16 37.71 -12.20
CA TYR A 86 -6.72 37.82 -10.87
C TYR A 86 -7.36 39.19 -10.74
N ILE A 87 -8.68 39.21 -10.56
CA ILE A 87 -9.43 40.46 -10.42
C ILE A 87 -10.55 40.29 -9.39
N ASN A 88 -10.76 41.33 -8.58
CA ASN A 88 -11.79 41.33 -7.54
C ASN A 88 -11.64 40.11 -6.62
N GLY A 89 -10.40 39.75 -6.32
CA GLY A 89 -10.16 38.61 -5.46
C GLY A 89 -10.61 37.29 -6.05
N ARG A 90 -10.70 37.25 -7.38
CA ARG A 90 -11.12 36.04 -8.06
C ARG A 90 -10.14 35.61 -9.14
N ARG A 91 -9.80 34.33 -9.14
CA ARG A 91 -8.89 33.77 -10.12
C ARG A 91 -9.74 33.30 -11.30
N GLU A 92 -9.35 33.67 -12.51
CA GLU A 92 -10.07 33.21 -13.69
C GLU A 92 -9.07 32.68 -14.72
N THR A 93 -9.42 31.56 -15.32
CA THR A 93 -8.58 30.96 -16.34
C THR A 93 -9.29 31.18 -17.66
N LEU A 94 -8.57 31.72 -18.63
CA LEU A 94 -9.13 32.04 -19.94
C LEU A 94 -8.57 31.26 -21.14
N ASN A 95 -8.39 29.95 -21.00
CA ASN A 95 -7.86 29.17 -22.08
C ASN A 95 -8.80 28.77 -23.20
N PRO A 96 -8.46 29.15 -24.44
CA PRO A 96 -9.35 28.76 -25.55
C PRO A 96 -8.86 27.37 -25.87
N PRO A 97 -9.76 26.44 -26.22
CA PRO A 97 -9.28 25.09 -26.54
C PRO A 97 -8.50 25.20 -27.82
N GLY A 98 -7.52 24.34 -28.02
CA GLY A 98 -6.77 24.44 -29.26
C GLY A 98 -5.39 25.02 -29.10
N ARG A 99 -4.77 25.32 -30.24
CA ARG A 99 -3.42 25.86 -30.25
C ARG A 99 -3.36 27.37 -29.95
N ALA A 100 -2.32 27.77 -29.22
CA ALA A 100 -2.13 29.15 -28.84
C ALA A 100 -1.29 29.90 -29.88
N LEU A 101 -1.99 30.59 -30.77
CA LEU A 101 -1.32 31.35 -31.80
C LEU A 101 -1.03 32.75 -31.31
N PRO A 102 -0.05 33.42 -31.92
CA PRO A 102 0.35 34.77 -31.56
C PRO A 102 -0.87 35.69 -31.40
N ALA A 103 -1.79 35.60 -32.35
CA ALA A 103 -2.97 36.43 -32.30
C ALA A 103 -3.76 36.25 -31.00
N ALA A 104 -4.10 35.01 -30.68
CA ALA A 104 -4.87 34.72 -29.48
C ALA A 104 -4.12 35.06 -28.19
N ALA A 105 -2.89 34.57 -28.07
CA ALA A 105 -2.07 34.81 -26.88
C ALA A 105 -1.89 36.29 -26.57
N TRP A 106 -1.45 37.08 -27.54
CA TRP A 106 -1.23 38.50 -27.33
C TRP A 106 -2.54 39.26 -27.13
N SER A 107 -3.65 38.72 -27.63
CA SER A 107 -4.93 39.39 -27.42
C SER A 107 -5.26 39.27 -25.95
N LEU A 108 -5.06 38.07 -25.40
CA LEU A 108 -5.34 37.82 -23.99
C LEU A 108 -4.42 38.67 -23.09
N TYR A 109 -3.16 38.78 -23.50
CA TYR A 109 -2.17 39.56 -22.77
C TYR A 109 -2.62 41.02 -22.76
N GLN A 110 -3.14 41.48 -23.89
CA GLN A 110 -3.60 42.86 -24.02
C GLN A 110 -4.83 43.06 -23.16
N ALA A 111 -5.54 41.97 -22.86
CA ALA A 111 -6.75 42.04 -22.05
C ALA A 111 -6.39 41.88 -20.55
N GLY A 112 -5.10 41.88 -20.25
CA GLY A 112 -4.65 41.78 -18.88
C GLY A 112 -4.35 40.40 -18.32
N CYS A 113 -4.23 39.40 -19.21
CA CYS A 113 -3.95 38.05 -18.77
C CYS A 113 -2.47 37.74 -18.73
N SER A 114 -2.08 36.94 -17.75
CA SER A 114 -0.70 36.53 -17.66
C SER A 114 -0.62 35.26 -18.47
N LEU A 115 0.49 35.05 -19.16
CA LEU A 115 0.70 33.85 -19.96
C LEU A 115 1.75 33.05 -19.21
N ARG A 116 1.52 31.76 -19.05
CA ARG A 116 2.45 30.92 -18.32
C ARG A 116 2.79 29.67 -19.11
N LEU A 117 4.08 29.52 -19.44
CA LEU A 117 4.58 28.38 -20.18
C LEU A 117 4.95 27.26 -19.22
N LEU A 118 4.25 26.14 -19.31
CA LEU A 118 4.46 24.99 -18.45
C LEU A 118 5.77 24.20 -18.61
N CYS A 119 6.32 24.15 -19.81
CA CYS A 119 7.54 23.36 -20.00
C CYS A 119 8.50 24.02 -20.98
N PRO A 120 9.07 25.16 -20.58
CA PRO A 120 10.00 25.84 -21.49
C PRO A 120 11.24 25.00 -21.84
N GLN A 121 11.56 24.00 -21.01
CA GLN A 121 12.72 23.17 -21.28
C GLN A 121 12.47 22.25 -22.49
N ALA A 122 11.22 22.14 -22.91
CA ALA A 122 10.87 21.32 -24.07
C ALA A 122 10.95 22.20 -25.33
N PHE A 123 11.00 23.51 -25.12
CA PHE A 123 11.04 24.48 -26.23
C PHE A 123 12.31 25.30 -26.32
N SER A 124 13.11 25.26 -25.26
CA SER A 124 14.38 25.99 -25.22
C SER A 124 15.49 25.07 -24.75
N THR A 125 16.57 24.99 -25.54
CA THR A 125 17.69 24.14 -25.20
C THR A 125 18.54 24.80 -24.10
N THR A 126 18.39 26.10 -23.92
CA THR A 126 19.14 26.81 -22.88
C THR A 126 18.51 26.49 -21.52
N VAL A 127 17.21 26.66 -21.42
CA VAL A 127 16.51 26.36 -20.18
C VAL A 127 16.72 24.90 -19.88
N TRP A 128 16.77 24.08 -20.91
CA TRP A 128 16.97 22.65 -20.76
C TRP A 128 18.32 22.31 -20.11
N GLN A 129 19.39 22.89 -20.62
CA GLN A 129 20.72 22.61 -20.09
C GLN A 129 20.80 23.08 -18.64
N PHE A 130 20.22 24.25 -18.41
CA PHE A 130 20.19 24.86 -17.09
C PHE A 130 19.60 23.89 -16.07
N LEU A 131 18.42 23.38 -16.38
CA LEU A 131 17.74 22.44 -15.51
C LEU A 131 18.43 21.07 -15.46
N ALA A 132 18.96 20.64 -16.60
CA ALA A 132 19.63 19.34 -16.68
C ALA A 132 20.88 19.28 -15.79
N VAL A 133 21.57 20.42 -15.69
CA VAL A 133 22.75 20.49 -14.85
C VAL A 133 22.36 20.61 -13.37
N LEU A 134 21.46 21.55 -13.05
CA LEU A 134 21.06 21.75 -11.66
C LEU A 134 20.43 20.51 -11.02
N GLN A 135 19.70 19.73 -11.80
CA GLN A 135 19.07 18.52 -11.25
C GLN A 135 20.12 17.58 -10.67
N GLU A 136 21.34 17.64 -11.19
CA GLU A 136 22.41 16.77 -10.72
C GLU A 136 22.90 17.13 -9.30
N GLN A 137 22.74 18.38 -8.87
CA GLN A 137 23.17 18.74 -7.52
C GLN A 137 21.97 18.81 -6.58
N PHE A 138 20.75 18.68 -7.10
CA PHE A 138 19.57 18.69 -6.25
C PHE A 138 19.26 17.25 -5.90
N GLY A 139 19.63 16.34 -6.79
CA GLY A 139 19.33 14.94 -6.54
C GLY A 139 17.83 14.77 -6.62
N SER A 140 17.20 15.68 -7.35
CA SER A 140 15.75 15.69 -7.50
C SER A 140 15.41 16.37 -8.82
N MET A 141 14.27 15.99 -9.41
CA MET A 141 13.85 16.59 -10.67
C MET A 141 13.78 18.11 -10.57
N ALA A 142 14.26 18.80 -11.61
CA ALA A 142 14.24 20.26 -11.63
C ALA A 142 13.34 20.71 -12.79
N GLY A 143 12.19 21.27 -12.44
CA GLY A 143 11.29 21.72 -13.49
C GLY A 143 11.27 23.23 -13.55
N SER A 144 10.38 23.80 -14.36
CA SER A 144 10.28 25.25 -14.46
C SER A 144 9.05 25.70 -15.23
N ASN A 145 8.66 26.95 -14.99
CA ASN A 145 7.53 27.57 -15.66
C ASN A 145 8.01 28.98 -15.97
N VAL A 146 7.48 29.57 -17.03
CA VAL A 146 7.81 30.95 -17.33
C VAL A 146 6.51 31.68 -17.17
N TYR A 147 6.60 32.85 -16.54
CA TYR A 147 5.44 33.69 -16.26
C TYR A 147 5.62 35.07 -16.89
N LEU A 148 4.65 35.47 -17.70
CA LEU A 148 4.68 36.76 -18.37
C LEU A 148 3.41 37.50 -17.99
N THR A 149 3.58 38.66 -17.36
CA THR A 149 2.46 39.45 -16.90
C THR A 149 2.44 40.85 -17.51
N PRO A 150 1.27 41.31 -17.96
CA PRO A 150 1.19 42.64 -18.55
C PRO A 150 1.18 43.69 -17.43
N PRO A 151 1.58 44.94 -17.75
CA PRO A 151 1.62 46.05 -16.79
C PRO A 151 0.30 46.22 -16.04
N ASN A 152 0.36 46.58 -14.77
CA ASN A 152 -0.84 46.81 -13.96
C ASN A 152 -1.81 45.64 -13.87
N SER A 153 -1.31 44.47 -13.51
CA SER A 153 -2.18 43.31 -13.41
C SER A 153 -1.57 42.26 -12.52
N GLN A 154 -2.42 41.35 -12.05
CA GLN A 154 -1.98 40.25 -11.24
C GLN A 154 -2.57 39.07 -11.96
N GLY A 155 -1.72 38.12 -12.33
CA GLY A 155 -2.20 36.97 -13.04
C GLY A 155 -2.75 35.87 -12.15
N PHE A 156 -2.12 35.67 -11.00
CA PHE A 156 -2.54 34.61 -10.09
C PHE A 156 -2.93 35.05 -8.69
N ALA A 157 -3.75 34.22 -8.02
CA ALA A 157 -4.20 34.48 -6.65
C ALA A 157 -3.13 33.97 -5.70
N PRO A 158 -3.01 34.58 -4.51
CA PRO A 158 -2.00 34.12 -3.53
C PRO A 158 -2.22 32.65 -3.20
N HIS A 159 -1.12 31.92 -3.10
CA HIS A 159 -1.14 30.47 -2.86
C HIS A 159 0.28 30.06 -2.46
N TYR A 160 0.45 28.82 -2.05
CA TYR A 160 1.78 28.30 -1.76
C TYR A 160 1.86 27.10 -2.67
N ASP A 161 3.07 26.78 -3.08
CA ASP A 161 3.30 25.65 -3.96
C ASP A 161 3.81 24.46 -3.18
N ASP A 162 3.95 23.31 -3.84
CA ASP A 162 4.41 22.08 -3.19
C ASP A 162 5.89 21.77 -3.52
N ILE A 163 6.60 22.78 -4.02
CA ILE A 163 8.01 22.60 -4.38
C ILE A 163 8.87 23.76 -3.88
N GLU A 164 10.18 23.53 -3.86
CA GLU A 164 11.14 24.55 -3.46
C GLU A 164 11.22 25.41 -4.70
N ALA A 165 11.08 26.71 -4.52
CA ALA A 165 11.06 27.63 -5.65
C ALA A 165 12.13 28.72 -5.73
N PHE A 166 12.72 28.87 -6.92
CA PHE A 166 13.74 29.90 -7.17
C PHE A 166 13.25 30.77 -8.31
N VAL A 167 12.69 31.92 -7.99
CA VAL A 167 12.20 32.83 -9.01
C VAL A 167 13.37 33.61 -9.61
N LEU A 168 13.50 33.62 -10.93
CA LEU A 168 14.58 34.36 -11.59
C LEU A 168 13.93 35.47 -12.40
N GLN A 169 14.19 36.72 -12.04
CA GLN A 169 13.59 37.84 -12.77
C GLN A 169 14.35 38.06 -14.09
N LEU A 170 13.63 37.86 -15.20
CA LEU A 170 14.21 38.00 -16.53
C LEU A 170 14.01 39.36 -17.22
N GLU A 171 12.79 39.90 -17.15
CA GLU A 171 12.49 41.18 -17.76
C GLU A 171 11.50 41.98 -16.91
N GLY A 172 11.56 43.30 -17.05
CA GLY A 172 10.65 44.15 -16.29
C GLY A 172 10.84 44.14 -14.79
N ARG A 173 9.79 44.53 -14.08
CA ARG A 173 9.82 44.57 -12.62
C ARG A 173 8.53 43.98 -12.06
N LYS A 174 8.60 43.42 -10.87
CA LYS A 174 7.40 42.85 -10.27
C LYS A 174 7.40 42.98 -8.75
N LEU A 175 6.26 43.39 -8.20
CA LEU A 175 6.15 43.52 -6.75
C LEU A 175 5.73 42.20 -6.15
N TRP A 176 6.64 41.59 -5.40
CA TRP A 176 6.39 40.30 -4.76
C TRP A 176 6.14 40.42 -3.27
N ARG A 177 5.30 39.53 -2.76
CA ARG A 177 4.99 39.47 -1.34
C ARG A 177 5.07 37.99 -1.00
N VAL A 178 5.90 37.68 -0.02
CA VAL A 178 6.09 36.31 0.41
C VAL A 178 5.77 36.28 1.89
N TYR A 179 5.02 35.27 2.30
CA TYR A 179 4.60 35.12 3.69
C TYR A 179 5.10 33.84 4.32
N ARG A 180 5.37 33.86 5.61
CA ARG A 180 5.81 32.66 6.30
C ARG A 180 4.61 31.75 6.43
N PRO A 181 4.84 30.45 6.60
CA PRO A 181 3.78 29.45 6.75
C PRO A 181 2.75 29.91 7.78
N ARG A 182 1.49 30.03 7.38
CA ARG A 182 0.41 30.46 8.27
C ARG A 182 0.29 29.67 9.57
N ALA A 183 0.46 28.36 9.49
CA ALA A 183 0.33 27.50 10.65
C ALA A 183 1.26 26.30 10.55
N PRO A 184 1.52 25.62 11.68
CA PRO A 184 2.40 24.44 11.71
C PRO A 184 2.15 23.40 10.60
N THR A 185 0.90 23.22 10.20
CA THR A 185 0.57 22.24 9.16
C THR A 185 0.99 22.67 7.76
N GLU A 186 1.13 23.97 7.56
CA GLU A 186 1.51 24.49 6.25
C GLU A 186 3.02 24.62 6.04
N GLU A 187 3.80 24.41 7.10
CA GLU A 187 5.24 24.49 6.97
C GLU A 187 5.69 23.27 6.17
N LEU A 188 6.48 23.51 5.12
CA LEU A 188 6.98 22.44 4.25
C LEU A 188 5.80 21.58 3.86
N ALA A 189 4.80 22.23 3.28
CA ALA A 189 3.57 21.59 2.84
C ALA A 189 3.76 20.45 1.82
N LEU A 190 2.89 19.45 1.93
CA LEU A 190 2.91 18.27 1.08
C LEU A 190 2.30 18.49 -0.30
N THR A 191 1.22 19.24 -0.33
CA THR A 191 0.50 19.50 -1.58
C THR A 191 0.37 20.99 -1.82
N CYS A 192 0.05 21.35 -3.05
CA CYS A 192 -0.16 22.74 -3.42
C CYS A 192 -1.42 23.18 -2.67
N SER A 193 -1.59 24.48 -2.52
CA SER A 193 -2.74 25.00 -1.79
C SER A 193 -3.88 25.57 -2.65
N PRO A 194 -5.02 25.79 -2.01
CA PRO A 194 -6.16 26.34 -2.75
C PRO A 194 -5.79 27.80 -2.97
N ASN A 195 -6.60 28.51 -3.74
CA ASN A 195 -6.31 29.90 -3.97
C ASN A 195 -6.82 30.63 -2.73
N PHE A 196 -6.00 31.52 -2.17
CA PHE A 196 -6.38 32.27 -0.98
C PHE A 196 -6.81 33.68 -1.34
N SER A 197 -7.55 34.31 -0.43
CA SER A 197 -7.99 35.67 -0.63
C SER A 197 -7.16 36.46 0.34
N GLN A 198 -7.10 37.77 0.16
CA GLN A 198 -6.32 38.64 1.03
C GLN A 198 -6.66 38.48 2.51
N ASP A 199 -7.93 38.25 2.83
CA ASP A 199 -8.34 38.09 4.22
C ASP A 199 -7.69 36.87 4.87
N ASP A 200 -7.18 35.96 4.05
CA ASP A 200 -6.54 34.73 4.54
C ASP A 200 -5.08 34.94 4.91
N LEU A 201 -4.51 36.05 4.43
CA LEU A 201 -3.11 36.32 4.65
C LEU A 201 -2.74 37.28 5.78
N GLY A 202 -1.60 37.01 6.41
CA GLY A 202 -1.10 37.86 7.48
C GLY A 202 -0.15 38.85 6.82
N GLU A 203 0.83 39.34 7.57
CA GLU A 203 1.80 40.30 7.03
C GLU A 203 2.94 39.62 6.27
N PRO A 204 3.39 40.22 5.16
CA PRO A 204 4.49 39.60 4.42
C PRO A 204 5.75 39.53 5.27
N VAL A 205 6.61 38.56 4.98
CA VAL A 205 7.87 38.43 5.70
C VAL A 205 8.88 39.05 4.73
N LEU A 206 8.49 39.17 3.47
CA LEU A 206 9.35 39.75 2.45
C LEU A 206 8.50 40.40 1.37
N GLN A 207 8.68 41.69 1.18
CA GLN A 207 7.95 42.43 0.16
C GLN A 207 8.96 43.29 -0.56
N THR A 208 9.12 43.06 -1.85
CA THR A 208 10.12 43.77 -2.63
C THR A 208 9.82 43.82 -4.13
N VAL A 209 10.49 44.71 -4.85
CA VAL A 209 10.31 44.81 -6.29
C VAL A 209 11.47 44.10 -6.95
N LEU A 210 11.21 42.96 -7.59
CA LEU A 210 12.25 42.20 -8.26
C LEU A 210 12.61 42.86 -9.56
N GLU A 211 13.90 42.90 -9.88
CA GLU A 211 14.50 43.50 -11.06
CA GLU A 211 14.51 43.50 -11.06
C GLU A 211 15.44 42.51 -11.76
N PRO A 212 15.40 42.53 -13.10
CA PRO A 212 16.18 41.56 -13.89
C PRO A 212 17.53 41.24 -13.25
N GLY A 213 17.81 39.94 -13.11
CA GLY A 213 19.06 39.52 -12.51
C GLY A 213 18.83 39.07 -11.09
N ASP A 214 17.81 39.62 -10.44
CA ASP A 214 17.51 39.25 -9.06
C ASP A 214 16.99 37.82 -8.92
N LEU A 215 17.14 37.26 -7.72
CA LEU A 215 16.70 35.92 -7.42
C LEU A 215 15.93 35.94 -6.13
N LEU A 216 14.85 35.17 -6.10
CA LEU A 216 14.00 35.04 -4.92
C LEU A 216 13.78 33.55 -4.70
N TYR A 217 14.05 33.07 -3.50
CA TYR A 217 13.84 31.67 -3.19
C TYR A 217 12.92 31.55 -2.00
N PHE A 218 12.08 30.53 -1.99
CA PHE A 218 11.21 30.30 -0.85
C PHE A 218 10.76 28.86 -0.84
N PRO A 219 10.73 28.27 0.36
CA PRO A 219 10.31 26.88 0.56
C PRO A 219 8.84 26.64 0.27
N ARG A 220 8.50 25.37 0.02
CA ARG A 220 7.13 24.99 -0.21
C ARG A 220 6.39 25.34 1.06
N GLY A 221 5.18 25.87 0.93
CA GLY A 221 4.42 26.22 2.12
C GLY A 221 4.39 27.73 2.35
N PHE A 222 5.34 28.43 1.75
CA PHE A 222 5.43 29.87 1.87
C PHE A 222 4.47 30.48 0.86
N ILE A 223 3.41 31.12 1.33
CA ILE A 223 2.46 31.73 0.40
C ILE A 223 3.11 32.90 -0.30
N HIS A 224 2.68 33.18 -1.53
CA HIS A 224 3.24 34.28 -2.28
C HIS A 224 2.28 34.75 -3.34
N GLN A 225 2.50 35.97 -3.81
CA GLN A 225 1.70 36.57 -4.87
C GLN A 225 2.56 37.67 -5.43
N ALA A 226 2.21 38.17 -6.60
CA ALA A 226 3.02 39.18 -7.25
C ALA A 226 2.20 39.94 -8.27
N GLU A 227 2.47 41.23 -8.39
CA GLU A 227 1.74 42.07 -9.32
C GLU A 227 2.66 42.99 -10.07
N CYS A 228 2.25 43.36 -11.28
CA CYS A 228 3.01 44.30 -12.09
C CYS A 228 2.34 45.61 -11.85
N GLN A 229 3.13 46.65 -11.63
CA GLN A 229 2.54 47.95 -11.39
C GLN A 229 2.63 48.80 -12.66
N ASP A 230 2.33 50.09 -12.53
CA ASP A 230 2.31 50.98 -13.69
C ASP A 230 3.48 51.12 -14.66
N GLY A 231 3.18 50.86 -15.92
CA GLY A 231 4.16 51.02 -16.98
C GLY A 231 5.09 49.90 -17.42
N VAL A 232 5.20 48.80 -16.68
CA VAL A 232 6.09 47.74 -17.13
C VAL A 232 5.55 46.36 -16.84
N HIS A 233 5.88 45.44 -17.74
CA HIS A 233 5.47 44.06 -17.65
C HIS A 233 6.50 43.33 -16.80
N SER A 234 6.32 42.02 -16.66
CA SER A 234 7.29 41.21 -15.94
C SER A 234 7.41 39.87 -16.62
N LEU A 235 8.61 39.34 -16.64
CA LEU A 235 8.88 38.04 -17.22
C LEU A 235 9.85 37.40 -16.25
N HIS A 236 9.49 36.21 -15.78
CA HIS A 236 10.38 35.50 -14.88
C HIS A 236 10.28 34.00 -15.07
N LEU A 237 11.33 33.30 -14.70
CA LEU A 237 11.36 31.86 -14.81
C LEU A 237 11.48 31.29 -13.42
N THR A 238 10.48 30.51 -13.03
CA THR A 238 10.51 29.90 -11.72
C THR A 238 11.02 28.48 -11.85
N LEU A 239 12.12 28.23 -11.16
CA LEU A 239 12.78 26.94 -11.17
C LEU A 239 12.23 26.19 -9.97
N SER A 240 11.76 24.97 -10.20
CA SER A 240 11.21 24.19 -9.11
C SER A 240 11.90 22.85 -8.89
N THR A 241 11.90 22.39 -7.64
CA THR A 241 12.50 21.10 -7.32
C THR A 241 11.94 20.57 -6.00
N TYR A 242 12.33 19.35 -5.65
CA TYR A 242 11.91 18.70 -4.43
C TYR A 242 10.40 18.51 -4.26
N GLN A 243 9.78 17.85 -5.22
CA GLN A 243 8.36 17.56 -5.13
C GLN A 243 8.32 16.18 -4.51
N ARG A 244 7.66 16.05 -3.37
CA ARG A 244 7.54 14.79 -2.65
C ARG A 244 8.85 14.01 -2.50
N ASN A 245 9.87 14.69 -1.99
CA ASN A 245 11.17 14.06 -1.79
C ASN A 245 11.49 14.19 -0.31
N THR A 246 10.51 13.88 0.51
CA THR A 246 10.63 13.99 1.96
C THR A 246 10.90 12.66 2.65
N TRP A 247 11.22 12.74 3.95
CA TRP A 247 11.48 11.56 4.75
C TRP A 247 10.21 10.72 4.84
N GLY A 248 9.07 11.37 4.84
CA GLY A 248 7.81 10.66 4.92
C GLY A 248 7.58 9.75 3.73
N ASP A 249 7.98 10.24 2.55
CA ASP A 249 7.82 9.46 1.31
C ASP A 249 8.71 8.24 1.33
N PHE A 250 9.92 8.42 1.85
CA PHE A 250 10.87 7.33 1.97
C PHE A 250 10.24 6.27 2.86
N LEU A 251 9.73 6.68 4.03
CA LEU A 251 9.09 5.74 4.95
C LEU A 251 7.93 5.03 4.28
N GLU A 252 7.14 5.77 3.50
CA GLU A 252 6.00 5.19 2.80
C GLU A 252 6.44 3.96 2.01
N ALA A 253 7.56 4.06 1.31
CA ALA A 253 8.07 2.95 0.52
C ALA A 253 8.68 1.88 1.43
N ILE A 254 9.30 2.32 2.53
CA ILE A 254 9.96 1.40 3.46
C ILE A 254 9.05 0.47 4.26
N LEU A 255 8.03 1.05 4.88
CA LEU A 255 7.13 0.32 5.76
C LEU A 255 6.49 -0.98 5.27
N PRO A 256 5.78 -0.97 4.13
CA PRO A 256 5.16 -2.22 3.66
C PRO A 256 6.22 -3.32 3.57
N LEU A 257 7.39 -2.96 3.02
CA LEU A 257 8.47 -3.93 2.88
C LEU A 257 9.00 -4.35 4.25
N ALA A 258 9.05 -3.39 5.17
CA ALA A 258 9.54 -3.66 6.51
C ALA A 258 8.65 -4.67 7.23
N VAL A 259 7.36 -4.37 7.27
CA VAL A 259 6.41 -5.24 7.96
C VAL A 259 6.39 -6.65 7.34
N GLN A 260 6.50 -6.73 6.02
CA GLN A 260 6.50 -8.04 5.36
C GLN A 260 7.73 -8.81 5.77
N ALA A 261 8.88 -8.12 5.80
CA ALA A 261 10.13 -8.78 6.17
C ALA A 261 10.04 -9.23 7.62
N ALA A 262 9.53 -8.36 8.48
CA ALA A 262 9.37 -8.68 9.90
C ALA A 262 8.51 -9.94 10.10
N MET A 263 7.41 -10.02 9.35
CA MET A 263 6.50 -11.15 9.44
C MET A 263 7.15 -12.45 8.98
N GLU A 264 8.01 -12.35 7.96
CA GLU A 264 8.69 -13.52 7.41
C GLU A 264 9.83 -13.99 8.29
N GLU A 265 10.42 -13.05 9.02
CA GLU A 265 11.58 -13.35 9.84
C GLU A 265 11.43 -13.47 11.36
N ASN A 266 10.37 -12.91 11.91
CA ASN A 266 10.19 -12.97 13.35
C ASN A 266 8.77 -13.42 13.70
N VAL A 267 8.70 -14.53 14.45
CA VAL A 267 7.42 -15.11 14.86
C VAL A 267 6.50 -14.18 15.67
N GLU A 268 7.06 -13.20 16.38
CA GLU A 268 6.23 -12.28 17.16
C GLU A 268 5.25 -11.52 16.27
N PHE A 269 5.61 -11.35 15.00
CA PHE A 269 4.75 -10.64 14.06
C PHE A 269 3.76 -11.59 13.41
N ARG A 270 3.95 -12.88 13.61
CA ARG A 270 3.06 -13.88 13.01
C ARG A 270 2.08 -14.47 14.02
N ARG A 271 2.12 -13.99 15.25
CA ARG A 271 1.22 -14.50 16.28
C ARG A 271 -0.15 -13.90 16.10
N GLY A 272 -1.15 -14.69 16.47
CA GLY A 272 -2.52 -14.25 16.33
C GLY A 272 -2.92 -13.11 17.24
N LEU A 273 -3.87 -12.32 16.76
CA LEU A 273 -4.40 -11.21 17.54
C LEU A 273 -5.27 -11.86 18.61
N PRO A 274 -5.71 -11.06 19.60
CA PRO A 274 -6.55 -11.61 20.66
C PRO A 274 -7.89 -12.01 20.04
N ARG A 275 -8.53 -13.04 20.58
CA ARG A 275 -9.81 -13.47 20.04
C ARG A 275 -10.93 -12.47 20.34
N ASP A 276 -10.71 -11.62 21.33
CA ASP A 276 -11.74 -10.68 21.74
C ASP A 276 -11.34 -9.20 21.78
N PHE A 277 -10.26 -8.84 21.09
CA PHE A 277 -9.83 -7.44 21.10
C PHE A 277 -10.88 -6.46 20.56
N MET A 278 -11.81 -6.95 19.75
CA MET A 278 -12.86 -6.10 19.19
C MET A 278 -13.78 -5.64 20.32
N ASP A 279 -13.69 -6.29 21.49
CA ASP A 279 -14.52 -5.91 22.64
C ASP A 279 -13.99 -4.65 23.31
N TYR A 280 -12.71 -4.35 23.12
CA TYR A 280 -12.15 -3.15 23.74
C TYR A 280 -11.43 -2.17 22.79
N MET A 281 -11.27 -2.53 21.52
CA MET A 281 -10.64 -1.65 20.56
C MET A 281 -11.72 -1.21 19.57
N GLY A 282 -11.59 -0.01 19.05
CA GLY A 282 -12.56 0.53 18.11
C GLY A 282 -12.95 1.89 18.63
N ALA A 283 -13.43 2.77 17.77
CA ALA A 283 -13.82 4.13 18.18
C ALA A 283 -14.87 4.07 19.29
N GLN A 284 -15.67 3.01 19.24
CA GLN A 284 -16.74 2.77 20.18
C GLN A 284 -16.19 2.63 21.59
N HIS A 285 -14.95 2.16 21.66
CA HIS A 285 -14.29 1.91 22.94
C HIS A 285 -13.12 2.80 23.32
N SER A 286 -12.98 3.95 22.68
CA SER A 286 -11.85 4.82 22.96
C SER A 286 -11.69 5.32 24.41
N ASP A 287 -12.77 5.28 25.20
CA ASP A 287 -12.67 5.72 26.58
C ASP A 287 -12.84 4.56 27.55
N SER A 288 -12.64 3.34 27.05
CA SER A 288 -12.76 2.15 27.88
C SER A 288 -11.62 2.15 28.89
N LYS A 289 -11.89 1.66 30.09
CA LYS A 289 -10.88 1.60 31.14
C LYS A 289 -10.25 0.21 31.19
N ASP A 290 -10.59 -0.60 30.19
CA ASP A 290 -10.07 -1.95 30.11
C ASP A 290 -8.55 -1.98 29.99
N PRO A 291 -7.86 -2.58 30.97
CA PRO A 291 -6.40 -2.66 30.96
C PRO A 291 -5.87 -3.34 29.70
N ARG A 292 -6.67 -4.25 29.17
CA ARG A 292 -6.33 -4.99 27.97
C ARG A 292 -6.07 -4.01 26.82
N ARG A 293 -6.82 -2.93 26.80
CA ARG A 293 -6.68 -1.91 25.78
C ARG A 293 -5.31 -1.26 25.85
N THR A 294 -4.88 -0.93 27.07
CA THR A 294 -3.58 -0.30 27.28
C THR A 294 -2.45 -1.24 26.87
N ALA A 295 -2.64 -2.53 27.12
CA ALA A 295 -1.64 -3.53 26.77
C ALA A 295 -1.57 -3.66 25.25
N PHE A 296 -2.73 -3.64 24.61
CA PHE A 296 -2.83 -3.74 23.15
C PHE A 296 -2.06 -2.60 22.47
N MET A 297 -2.28 -1.38 22.96
CA MET A 297 -1.64 -0.19 22.41
C MET A 297 -0.14 -0.26 22.59
N GLU A 298 0.29 -0.64 23.78
CA GLU A 298 1.70 -0.75 24.09
C GLU A 298 2.36 -1.74 23.14
N LYS A 299 1.72 -2.87 22.94
CA LYS A 299 2.26 -3.90 22.05
C LYS A 299 2.40 -3.39 20.61
N VAL A 300 1.43 -2.59 20.18
CA VAL A 300 1.46 -2.01 18.84
C VAL A 300 2.69 -1.13 18.71
N ARG A 301 2.92 -0.26 19.70
CA ARG A 301 4.05 0.66 19.66
C ARG A 301 5.40 -0.04 19.72
N VAL A 302 5.50 -1.14 20.46
CA VAL A 302 6.73 -1.90 20.56
C VAL A 302 7.05 -2.61 19.23
N LEU A 303 6.04 -3.23 18.62
CA LEU A 303 6.25 -3.91 17.36
C LEU A 303 6.61 -2.92 16.25
N VAL A 304 6.00 -1.75 16.27
CA VAL A 304 6.29 -0.74 15.25
C VAL A 304 7.71 -0.26 15.40
N ALA A 305 8.15 -0.09 16.64
CA ALA A 305 9.51 0.35 16.89
C ALA A 305 10.48 -0.69 16.32
N ARG A 306 10.14 -1.96 16.50
CA ARG A 306 11.02 -3.06 16.09
CA ARG A 306 11.01 -3.04 16.09
C ARG A 306 11.19 -2.98 14.57
N LEU A 307 10.20 -2.48 13.84
CA LEU A 307 10.25 -2.46 12.38
C LEU A 307 11.53 -1.83 11.82
N GLY A 308 12.05 -0.83 12.52
CA GLY A 308 13.26 -0.17 12.07
C GLY A 308 14.38 -1.15 11.71
N HIS A 309 14.43 -2.25 12.45
CA HIS A 309 15.45 -3.28 12.24
C HIS A 309 15.27 -4.09 10.94
N PHE A 310 14.05 -4.14 10.43
CA PHE A 310 13.77 -4.89 9.22
C PHE A 310 13.64 -4.04 7.97
N ALA A 311 13.78 -2.73 8.12
CA ALA A 311 13.65 -1.80 6.99
C ALA A 311 14.71 -1.95 5.89
N PRO A 312 14.28 -2.27 4.66
CA PRO A 312 15.21 -2.44 3.53
C PRO A 312 15.56 -1.05 2.97
N VAL A 313 16.35 -0.31 3.73
CA VAL A 313 16.73 1.05 3.38
C VAL A 313 17.48 1.22 2.05
N ASP A 314 18.48 0.38 1.77
CA ASP A 314 19.22 0.50 0.53
C ASP A 314 18.36 0.20 -0.70
N ALA A 315 17.42 -0.74 -0.57
CA ALA A 315 16.56 -1.10 -1.69
C ALA A 315 15.61 0.04 -2.05
N VAL A 316 15.13 0.76 -1.04
CA VAL A 316 14.24 1.88 -1.31
C VAL A 316 15.02 3.03 -1.93
N ALA A 317 16.24 3.23 -1.45
CA ALA A 317 17.09 4.27 -1.98
C ALA A 317 17.29 3.99 -3.46
N ASP A 318 17.53 2.73 -3.80
CA ASP A 318 17.72 2.37 -5.19
C ASP A 318 16.47 2.60 -6.03
N GLN A 319 15.31 2.31 -5.45
CA GLN A 319 14.06 2.49 -6.17
C GLN A 319 13.79 3.97 -6.43
N ARG A 320 14.14 4.82 -5.47
CA ARG A 320 13.96 6.26 -5.64
C ARG A 320 14.95 6.79 -6.67
N ALA A 321 16.14 6.19 -6.72
CA ALA A 321 17.17 6.59 -7.67
C ALA A 321 16.72 6.22 -9.09
N LYS A 322 16.10 5.06 -9.21
CA LYS A 322 15.59 4.57 -10.47
C LYS A 322 14.48 5.51 -10.98
N ASP A 323 13.61 5.93 -10.06
CA ASP A 323 12.52 6.84 -10.42
C ASP A 323 13.09 8.19 -10.84
N PHE A 324 14.15 8.59 -10.18
CA PHE A 324 14.79 9.87 -10.47
C PHE A 324 15.44 9.84 -11.87
N ILE A 325 15.99 8.68 -12.24
CA ILE A 325 16.61 8.52 -13.55
C ILE A 325 15.50 8.64 -14.59
N HIS A 326 14.36 8.05 -14.28
CA HIS A 326 13.21 8.11 -15.19
C HIS A 326 12.73 9.56 -15.27
N ASP A 327 12.78 10.27 -14.14
CA ASP A 327 12.34 11.67 -14.06
C ASP A 327 13.28 12.64 -14.76
N SER A 328 14.55 12.28 -14.79
CA SER A 328 15.57 13.14 -15.36
C SER A 328 15.46 13.63 -16.79
N LEU A 329 15.93 14.84 -16.99
CA LEU A 329 15.99 15.41 -18.30
C LEU A 329 17.21 14.74 -18.85
N PRO A 330 17.28 14.58 -20.18
CA PRO A 330 18.48 13.93 -20.76
C PRO A 330 19.68 14.86 -20.57
N PRO A 331 20.89 14.29 -20.53
CA PRO A 331 22.14 15.05 -20.35
C PRO A 331 22.56 16.02 -21.45
N VAL A 332 23.23 17.08 -21.06
CA VAL A 332 23.75 18.02 -22.04
C VAL A 332 25.23 17.77 -22.01
N LEU A 333 25.75 17.35 -23.16
CA LEU A 333 27.15 17.02 -23.27
C LEU A 333 28.06 18.20 -23.57
N THR A 334 29.27 18.13 -23.05
CA THR A 334 30.25 19.17 -23.32
C THR A 334 30.84 18.77 -24.66
N ASP A 335 31.52 19.70 -25.31
CA ASP A 335 32.14 19.42 -26.59
C ASP A 335 33.05 18.21 -26.47
N ARG A 336 33.76 18.13 -25.36
CA ARG A 336 34.70 17.04 -25.12
C ARG A 336 33.99 15.70 -24.97
N GLU A 337 32.97 15.67 -24.12
CA GLU A 337 32.21 14.44 -23.87
C GLU A 337 31.65 13.89 -25.16
N ARG A 338 31.14 14.78 -26.01
CA ARG A 338 30.58 14.34 -27.28
C ARG A 338 31.67 13.79 -28.18
N ALA A 339 32.75 14.56 -28.33
CA ALA A 339 33.89 14.17 -29.17
C ALA A 339 34.51 12.83 -28.77
N LEU A 340 34.38 12.48 -27.49
CA LEU A 340 34.93 11.24 -26.96
C LEU A 340 33.87 10.17 -26.75
N SER A 341 32.67 10.42 -27.24
CA SER A 341 31.59 9.43 -27.11
C SER A 341 31.12 8.91 -28.47
N VAL A 342 30.20 7.96 -28.43
CA VAL A 342 29.66 7.39 -29.66
C VAL A 342 28.95 8.49 -30.44
N TYR A 343 28.45 9.50 -29.73
CA TYR A 343 27.73 10.62 -30.36
C TYR A 343 28.64 11.42 -31.30
N GLY A 344 29.94 11.40 -31.03
CA GLY A 344 30.87 12.14 -31.85
C GLY A 344 31.71 11.34 -32.82
N LEU A 345 31.48 10.03 -32.90
CA LEU A 345 32.25 9.21 -33.84
C LEU A 345 32.09 9.85 -35.22
N PRO A 346 33.21 10.02 -35.94
CA PRO A 346 33.17 10.62 -37.27
C PRO A 346 32.47 9.81 -38.37
N ILE A 347 31.82 8.69 -38.00
CA ILE A 347 31.12 7.90 -39.01
C ILE A 347 29.91 8.65 -39.53
N ARG A 348 29.81 8.75 -40.85
CA ARG A 348 28.75 9.50 -41.47
C ARG A 348 28.57 9.10 -42.92
N TRP A 349 27.49 9.56 -43.53
CA TRP A 349 27.27 9.30 -44.94
C TRP A 349 27.97 10.46 -45.60
N GLU A 350 29.18 10.19 -46.10
CA GLU A 350 29.95 11.21 -46.77
C GLU A 350 30.00 10.72 -48.20
N GLY A 352 28.35 8.43 -51.19
CA GLY A 352 27.48 7.31 -51.54
C GLY A 352 27.85 6.08 -50.74
N GLU A 353 28.65 6.29 -49.70
CA GLU A 353 28.90 5.19 -48.79
CA GLU A 353 29.00 5.21 -48.80
C GLU A 353 29.28 5.83 -47.46
N PRO A 354 29.18 5.06 -46.38
CA PRO A 354 29.51 5.58 -45.06
C PRO A 354 31.04 5.61 -44.97
N VAL A 355 31.59 6.60 -44.27
CA VAL A 355 33.03 6.70 -44.09
C VAL A 355 33.34 6.49 -42.61
N ASN A 356 34.53 5.99 -42.32
CA ASN A 356 35.00 5.89 -40.94
C ASN A 356 34.14 5.12 -39.97
N VAL A 357 33.71 3.92 -40.35
CA VAL A 357 32.91 3.10 -39.44
C VAL A 357 33.63 1.79 -39.21
N GLY A 358 33.27 1.10 -38.13
CA GLY A 358 34.00 -0.08 -37.75
C GLY A 358 35.05 0.11 -36.68
N ALA A 359 35.06 1.29 -36.08
CA ALA A 359 35.93 1.58 -34.94
C ALA A 359 35.56 0.67 -33.79
N GLN A 360 36.58 0.18 -33.10
CA GLN A 360 36.44 -0.81 -32.03
C GLN A 360 37.13 -0.44 -30.72
N LEU A 361 36.60 -0.97 -29.62
CA LEU A 361 37.22 -0.74 -28.31
C LEU A 361 38.22 -1.88 -28.23
N THR A 362 39.23 -1.73 -27.38
CA THR A 362 40.23 -2.78 -27.23
C THR A 362 40.62 -2.79 -25.75
N THR A 363 41.20 -3.89 -25.28
CA THR A 363 41.60 -3.99 -23.88
C THR A 363 42.48 -2.82 -23.45
N GLU A 364 43.07 -2.13 -24.42
CA GLU A 364 43.94 -1.00 -24.13
C GLU A 364 43.17 0.31 -24.00
N THR A 365 41.94 0.33 -24.51
CA THR A 365 41.11 1.52 -24.43
C THR A 365 40.83 1.91 -22.98
N GLU A 366 40.93 3.21 -22.68
CA GLU A 366 40.67 3.70 -21.34
C GLU A 366 39.30 4.36 -21.36
N VAL A 367 38.46 4.00 -20.40
CA VAL A 367 37.09 4.50 -20.38
C VAL A 367 36.54 4.95 -19.01
N HIS A 368 35.41 5.65 -19.06
CA HIS A 368 34.69 6.02 -17.87
C HIS A 368 33.33 6.56 -18.25
N MET A 369 32.39 6.36 -17.32
CA MET A 369 31.03 6.78 -17.54
C MET A 369 30.98 8.15 -18.21
N LEU A 370 30.07 8.32 -19.16
CA LEU A 370 29.95 9.58 -19.89
C LEU A 370 29.74 10.78 -18.96
N GLN A 371 28.95 10.59 -17.91
CA GLN A 371 28.68 11.63 -16.91
C GLN A 371 28.36 10.92 -15.60
N ASP A 372 28.26 11.69 -14.52
CA ASP A 372 28.02 11.13 -13.21
C ASP A 372 26.56 10.81 -12.82
N GLY A 373 25.61 11.52 -13.41
CA GLY A 373 24.21 11.27 -13.07
C GLY A 373 23.32 10.83 -14.23
N ILE A 374 23.80 9.89 -15.04
CA ILE A 374 23.04 9.41 -16.18
C ILE A 374 22.64 7.95 -16.00
N ALA A 375 23.19 7.29 -14.99
CA ALA A 375 22.88 5.89 -14.79
C ALA A 375 22.75 5.45 -13.33
N ARG A 376 22.16 4.28 -13.11
CA ARG A 376 21.97 3.73 -11.76
C ARG A 376 21.78 2.22 -11.84
N LEU A 377 22.52 1.47 -11.04
CA LEU A 377 22.43 0.02 -11.02
C LEU A 377 21.44 -0.43 -9.94
N VAL A 378 20.38 -1.12 -10.36
CA VAL A 378 19.32 -1.55 -9.45
C VAL A 378 18.97 -3.03 -9.55
N GLY A 379 18.85 -3.70 -8.41
CA GLY A 379 18.52 -5.12 -8.42
C GLY A 379 17.02 -5.37 -8.22
N GLU A 380 16.45 -6.18 -9.10
CA GLU A 380 15.03 -6.52 -9.02
C GLU A 380 14.82 -7.98 -9.43
N GLY A 381 14.27 -8.76 -8.49
CA GLY A 381 14.01 -10.16 -8.74
C GLY A 381 15.20 -10.98 -9.23
N GLY A 382 16.29 -10.96 -8.45
CA GLY A 382 17.48 -11.72 -8.80
C GLY A 382 18.18 -11.26 -10.07
N HIS A 383 17.81 -10.08 -10.57
CA HIS A 383 18.41 -9.55 -11.78
C HIS A 383 18.90 -8.12 -11.61
N LEU A 384 19.94 -7.78 -12.34
CA LEU A 384 20.52 -6.45 -12.27
C LEU A 384 20.24 -5.67 -13.53
N PHE A 385 19.78 -4.44 -13.36
CA PHE A 385 19.48 -3.60 -14.50
C PHE A 385 20.08 -2.23 -14.34
N LEU A 386 20.75 -1.75 -15.38
CA LEU A 386 21.36 -0.43 -15.39
C LEU A 386 20.34 0.49 -16.04
N TYR A 387 19.74 1.38 -15.25
CA TYR A 387 18.77 2.34 -15.79
C TYR A 387 19.54 3.59 -16.12
N TYR A 388 19.24 4.20 -17.26
CA TYR A 388 19.93 5.41 -17.69
C TYR A 388 18.96 6.50 -18.17
N THR A 389 19.51 7.69 -18.40
CA THR A 389 18.74 8.88 -18.81
C THR A 389 18.96 9.36 -20.24
N VAL A 390 20.06 8.91 -20.86
CA VAL A 390 20.43 9.36 -22.19
C VAL A 390 19.37 9.25 -23.29
N GLU A 391 18.29 8.50 -23.06
CA GLU A 391 17.25 8.40 -24.06
C GLU A 391 15.93 8.97 -23.54
N ASN A 392 16.01 9.73 -22.45
CA ASN A 392 14.82 10.36 -21.90
C ASN A 392 14.41 11.54 -22.78
N SER A 393 13.13 11.89 -22.74
CA SER A 393 12.65 13.04 -23.52
C SER A 393 12.72 14.26 -22.64
N ARG A 394 12.80 15.44 -23.26
CA ARG A 394 12.84 16.68 -22.49
C ARG A 394 11.45 16.91 -21.90
N VAL A 395 10.51 16.08 -22.30
CA VAL A 395 9.14 16.14 -21.79
C VAL A 395 9.01 15.07 -20.71
N TYR A 396 8.53 15.47 -19.54
CA TYR A 396 8.39 14.58 -18.39
C TYR A 396 7.64 13.27 -18.65
N HIS A 397 8.34 12.15 -18.42
CA HIS A 397 7.79 10.80 -18.59
C HIS A 397 7.20 10.50 -19.99
N LEU A 398 7.65 11.23 -21.01
CA LEU A 398 7.14 11.00 -22.35
C LEU A 398 7.57 9.61 -22.80
N GLU A 399 8.79 9.21 -22.44
CA GLU A 399 9.29 7.88 -22.79
C GLU A 399 9.26 7.15 -21.45
N GLU A 400 9.09 5.83 -21.46
CA GLU A 400 9.07 5.10 -20.20
C GLU A 400 10.48 4.69 -19.75
N PRO A 401 10.64 4.15 -18.53
CA PRO A 401 11.98 3.77 -18.05
C PRO A 401 12.79 2.95 -19.05
N LYS A 402 14.03 3.37 -19.25
CA LYS A 402 14.93 2.67 -20.15
C LYS A 402 16.02 2.03 -19.33
N CYS A 403 16.33 0.78 -19.62
CA CYS A 403 17.38 0.07 -18.90
C CYS A 403 17.93 -1.03 -19.77
N LEU A 404 19.05 -1.60 -19.36
CA LEU A 404 19.64 -2.72 -20.08
C LEU A 404 20.12 -3.61 -18.94
N GLU A 405 20.06 -4.91 -19.17
CA GLU A 405 20.46 -5.85 -18.14
C GLU A 405 21.96 -6.07 -18.04
N ILE A 406 22.45 -6.11 -16.80
CA ILE A 406 23.85 -6.35 -16.52
C ILE A 406 23.96 -7.76 -15.97
N TYR A 407 24.82 -8.57 -16.57
CA TYR A 407 24.98 -9.94 -16.12
C TYR A 407 25.97 -9.98 -14.96
N PRO A 408 25.75 -10.88 -13.99
CA PRO A 408 26.60 -11.06 -12.80
C PRO A 408 28.08 -11.08 -13.09
N GLN A 409 28.46 -11.57 -14.27
CA GLN A 409 29.88 -11.64 -14.65
C GLN A 409 30.43 -10.26 -15.03
N GLN A 410 29.59 -9.24 -14.87
CA GLN A 410 29.98 -7.88 -15.20
C GLN A 410 29.57 -6.92 -14.10
N ALA A 411 28.83 -7.44 -13.12
CA ALA A 411 28.36 -6.61 -12.00
C ALA A 411 29.46 -5.83 -11.28
N ASP A 412 30.55 -6.50 -10.95
CA ASP A 412 31.64 -5.84 -10.24
C ASP A 412 32.24 -4.71 -11.06
N ALA A 413 32.44 -4.94 -12.35
CA ALA A 413 33.02 -3.91 -13.22
C ALA A 413 32.05 -2.75 -13.42
N MET A 414 30.76 -3.03 -13.43
CA MET A 414 29.76 -1.98 -13.62
C MET A 414 29.72 -1.08 -12.38
N GLU A 415 29.84 -1.67 -11.19
CA GLU A 415 29.82 -0.89 -9.95
C GLU A 415 31.07 -0.02 -9.93
N LEU A 416 32.18 -0.61 -10.36
CA LEU A 416 33.47 0.09 -10.39
C LEU A 416 33.40 1.33 -11.26
N LEU A 417 32.91 1.16 -12.48
CA LEU A 417 32.79 2.26 -13.43
C LEU A 417 31.91 3.37 -12.86
N LEU A 418 30.79 2.98 -12.24
CA LEU A 418 29.88 3.95 -11.66
C LEU A 418 30.49 4.60 -10.44
N GLY A 419 31.36 3.87 -9.77
CA GLY A 419 32.00 4.39 -8.57
C GLY A 419 33.25 5.24 -8.74
N SER A 420 34.01 5.03 -9.81
CA SER A 420 35.24 5.79 -10.01
C SER A 420 35.25 6.96 -11.01
N TYR A 421 34.08 7.51 -11.33
CA TYR A 421 34.02 8.64 -12.24
C TYR A 421 34.58 9.88 -11.57
N PRO A 422 35.44 10.65 -12.27
CA PRO A 422 35.82 10.55 -13.67
C PRO A 422 37.21 9.92 -13.89
N GLU A 423 37.57 8.93 -13.09
CA GLU A 423 38.87 8.30 -13.26
C GLU A 423 38.81 7.37 -14.46
N PHE A 424 39.81 7.45 -15.34
CA PHE A 424 39.88 6.59 -16.51
C PHE A 424 40.33 5.19 -16.13
N VAL A 425 39.62 4.20 -16.64
CA VAL A 425 39.90 2.79 -16.36
C VAL A 425 40.23 1.98 -17.62
N ARG A 426 41.41 1.37 -17.64
CA ARG A 426 41.81 0.55 -18.77
C ARG A 426 40.78 -0.58 -18.86
N VAL A 427 40.17 -0.76 -20.02
CA VAL A 427 39.17 -1.81 -20.21
C VAL A 427 39.69 -3.18 -19.77
N GLY A 428 40.95 -3.45 -20.08
CA GLY A 428 41.57 -4.72 -19.73
C GLY A 428 41.65 -4.97 -18.24
N ASP A 429 41.59 -3.91 -17.43
CA ASP A 429 41.66 -4.02 -15.98
C ASP A 429 40.30 -4.05 -15.29
N LEU A 430 39.24 -4.32 -16.05
CA LEU A 430 37.91 -4.39 -15.48
C LEU A 430 37.78 -5.71 -14.74
N PRO A 431 37.25 -5.67 -13.51
CA PRO A 431 37.07 -6.89 -12.71
C PRO A 431 36.06 -7.87 -13.29
N CYS A 432 36.45 -8.55 -14.36
CA CYS A 432 35.59 -9.53 -15.02
C CYS A 432 36.26 -10.89 -15.07
N ASP A 433 35.48 -11.94 -15.31
CA ASP A 433 36.01 -13.30 -15.38
C ASP A 433 36.92 -13.51 -16.59
N SER A 434 36.47 -13.00 -17.74
CA SER A 434 37.20 -13.16 -19.00
C SER A 434 37.44 -11.84 -19.73
N VAL A 435 38.23 -11.91 -20.81
CA VAL A 435 38.52 -10.73 -21.63
C VAL A 435 37.28 -10.46 -22.47
N GLU A 436 36.51 -11.51 -22.75
CA GLU A 436 35.29 -11.37 -23.52
C GLU A 436 34.28 -10.52 -22.76
N ASP A 437 34.20 -10.74 -21.45
CA ASP A 437 33.29 -10.00 -20.58
C ASP A 437 33.66 -8.52 -20.46
N GLN A 438 34.96 -8.23 -20.42
CA GLN A 438 35.43 -6.86 -20.32
C GLN A 438 35.08 -6.12 -21.61
N LEU A 439 35.44 -6.72 -22.73
CA LEU A 439 35.16 -6.14 -24.04
C LEU A 439 33.67 -5.98 -24.32
N SER A 440 32.88 -6.96 -23.92
CA SER A 440 31.44 -6.87 -24.18
C SER A 440 30.73 -5.83 -23.32
N LEU A 441 31.09 -5.72 -22.05
CA LEU A 441 30.46 -4.72 -21.18
C LEU A 441 30.77 -3.32 -21.69
N ALA A 442 32.05 -3.05 -21.91
CA ALA A 442 32.48 -1.73 -22.39
C ALA A 442 31.88 -1.39 -23.76
N THR A 443 31.86 -2.36 -24.67
CA THR A 443 31.30 -2.13 -25.99
C THR A 443 29.81 -1.78 -25.86
N THR A 444 29.10 -2.51 -25.01
CA THR A 444 27.68 -2.28 -24.82
C THR A 444 27.40 -0.90 -24.27
N LEU A 445 28.03 -0.56 -23.16
CA LEU A 445 27.81 0.75 -22.54
C LEU A 445 28.14 1.86 -23.52
N TYR A 446 29.26 1.73 -24.23
CA TYR A 446 29.69 2.74 -25.17
C TYR A 446 28.69 2.94 -26.31
N ASP A 447 28.21 1.84 -26.87
CA ASP A 447 27.25 1.91 -27.96
C ASP A 447 25.93 2.56 -27.50
N LYS A 448 25.66 2.51 -26.19
CA LYS A 448 24.45 3.09 -25.65
C LYS A 448 24.64 4.58 -25.43
N GLY A 449 25.90 5.01 -25.36
CA GLY A 449 26.19 6.40 -25.12
C GLY A 449 26.25 6.67 -23.64
N LEU A 450 26.77 5.68 -22.90
CA LEU A 450 26.87 5.78 -21.45
C LEU A 450 28.33 5.80 -21.05
N LEU A 451 29.19 5.83 -22.04
CA LEU A 451 30.62 5.79 -21.79
C LEU A 451 31.46 6.65 -22.74
N LEU A 452 32.68 7.02 -22.32
CA LEU A 452 33.56 7.78 -23.19
C LEU A 452 34.97 7.25 -23.02
N THR A 453 35.78 7.45 -24.04
CA THR A 453 37.15 6.98 -24.04
C THR A 453 38.09 8.17 -23.92
N LYS A 454 39.30 7.92 -23.42
CA LYS A 454 40.27 9.00 -23.26
C LYS A 454 40.63 9.56 -24.64
N MET A 455 40.82 8.65 -25.59
CA MET A 455 41.14 9.06 -26.95
C MET A 455 39.99 8.62 -27.83
N PRO A 456 39.63 9.44 -28.83
CA PRO A 456 38.52 9.11 -29.74
C PRO A 456 38.82 7.78 -30.45
N LEU A 457 37.91 6.83 -30.41
CA LEU A 457 38.14 5.56 -31.09
C LEU A 457 38.48 5.90 -32.54
N ALA A 458 39.69 5.54 -32.95
CA ALA A 458 40.16 5.84 -34.31
C ALA A 458 40.24 4.63 -35.24
N LEU A 459 40.09 3.44 -34.68
CA LEU A 459 40.12 2.19 -35.45
C LEU A 459 39.49 2.35 -36.82
N MET B 1 -30.02 -39.31 23.98
CA MET B 1 -29.67 -38.26 22.96
C MET B 1 -28.14 -38.12 22.87
N SER B 2 -27.62 -38.00 21.65
CA SER B 2 -26.18 -37.87 21.45
C SER B 2 -25.65 -36.59 22.09
N PRO B 3 -24.37 -36.56 22.44
CA PRO B 3 -23.82 -35.35 23.06
C PRO B 3 -24.00 -34.09 22.20
N LEU B 4 -23.84 -34.23 20.88
CA LEU B 4 -23.99 -33.07 20.00
C LEU B 4 -25.42 -32.55 20.04
N ARG B 5 -26.39 -33.46 19.94
CA ARG B 5 -27.77 -33.04 19.99
C ARG B 5 -28.15 -32.49 21.38
N ARG B 6 -27.53 -33.03 22.43
CA ARG B 6 -27.81 -32.57 23.78
C ARG B 6 -27.33 -31.13 23.98
N VAL B 7 -26.11 -30.86 23.51
CA VAL B 7 -25.56 -29.52 23.67
C VAL B 7 -26.27 -28.53 22.77
N LEU B 8 -26.72 -28.98 21.60
CA LEU B 8 -27.41 -28.06 20.71
C LEU B 8 -28.75 -27.68 21.33
N ALA B 9 -29.40 -28.63 22.00
CA ALA B 9 -30.68 -28.35 22.64
C ALA B 9 -30.39 -27.39 23.78
N GLU B 10 -29.25 -27.60 24.42
CA GLU B 10 -28.84 -26.77 25.53
C GLU B 10 -28.60 -25.31 25.12
N LEU B 11 -27.97 -25.13 23.96
CA LEU B 11 -27.69 -23.79 23.46
C LEU B 11 -28.97 -22.99 23.22
N ASN B 12 -30.00 -23.66 22.74
CA ASN B 12 -31.27 -23.01 22.46
C ASN B 12 -31.91 -22.43 23.74
N ARG B 13 -31.46 -22.90 24.89
CA ARG B 13 -32.00 -22.41 26.16
C ARG B 13 -31.09 -21.40 26.84
N ILE B 14 -30.06 -20.97 26.13
CA ILE B 14 -29.10 -19.99 26.64
C ILE B 14 -29.39 -18.65 25.97
N PRO B 15 -29.79 -17.64 26.76
CA PRO B 15 -30.10 -16.32 26.22
C PRO B 15 -29.01 -15.61 25.40
N SER B 16 -27.81 -15.50 25.96
CA SER B 16 -26.70 -14.82 25.29
C SER B 16 -25.95 -15.62 24.22
N SER B 17 -25.74 -14.98 23.06
CA SER B 17 -25.03 -15.64 21.98
C SER B 17 -23.56 -15.72 22.31
N ARG B 18 -23.09 -14.80 23.14
CA ARG B 18 -21.69 -14.77 23.56
C ARG B 18 -21.43 -16.00 24.44
N ARG B 19 -22.37 -16.24 25.35
CA ARG B 19 -22.29 -17.38 26.24
C ARG B 19 -22.51 -18.67 25.46
N ARG B 20 -23.39 -18.63 24.45
CA ARG B 20 -23.66 -19.82 23.63
C ARG B 20 -22.39 -20.29 22.95
N ALA B 21 -21.65 -19.35 22.38
CA ALA B 21 -20.40 -19.63 21.68
C ALA B 21 -19.38 -20.22 22.63
N ALA B 22 -19.23 -19.60 23.81
CA ALA B 22 -18.30 -20.07 24.82
C ALA B 22 -18.66 -21.50 25.24
N ARG B 23 -19.95 -21.76 25.43
CA ARG B 23 -20.38 -23.09 25.84
C ARG B 23 -20.12 -24.17 24.78
N LEU B 24 -20.35 -23.83 23.52
CA LEU B 24 -20.14 -24.80 22.46
C LEU B 24 -18.67 -25.16 22.30
N PHE B 25 -17.79 -24.17 22.49
CA PHE B 25 -16.37 -24.45 22.37
C PHE B 25 -15.93 -25.30 23.56
N GLU B 26 -16.57 -25.06 24.68
CA GLU B 26 -16.30 -25.84 25.89
C GLU B 26 -16.61 -27.30 25.60
N TRP B 27 -17.73 -27.51 24.90
CA TRP B 27 -18.17 -28.84 24.53
C TRP B 27 -17.20 -29.45 23.53
N LEU B 28 -16.74 -28.63 22.59
CA LEU B 28 -15.83 -29.11 21.55
C LEU B 28 -14.56 -29.78 22.07
N ILE B 29 -13.92 -29.18 23.07
CA ILE B 29 -12.69 -29.76 23.61
C ILE B 29 -12.83 -30.50 24.97
N ALA B 30 -14.06 -30.60 25.49
CA ALA B 30 -14.30 -31.29 26.77
C ALA B 30 -13.57 -32.63 26.78
N PRO B 31 -13.01 -33.04 27.94
CA PRO B 31 -12.99 -32.36 29.25
C PRO B 31 -12.00 -31.21 29.44
N MET B 32 -11.15 -30.96 28.45
CA MET B 32 -10.18 -29.89 28.57
C MET B 32 -10.79 -28.49 28.74
N PRO B 33 -10.42 -27.77 29.81
CA PRO B 33 -10.93 -26.42 30.08
C PRO B 33 -10.46 -25.43 29.00
N PRO B 34 -11.39 -24.63 28.45
CA PRO B 34 -10.97 -23.68 27.43
C PRO B 34 -9.86 -22.75 27.90
N ASP B 35 -9.93 -22.31 29.16
CA ASP B 35 -8.96 -21.36 29.69
C ASP B 35 -7.55 -21.95 29.63
N HIS B 36 -7.43 -23.23 29.95
CA HIS B 36 -6.15 -23.92 29.85
C HIS B 36 -5.73 -24.06 28.39
N PHE B 37 -6.69 -24.41 27.53
CA PHE B 37 -6.39 -24.59 26.11
C PHE B 37 -5.81 -23.35 25.44
N TYR B 38 -6.45 -22.20 25.68
CA TYR B 38 -5.98 -20.96 25.07
C TYR B 38 -4.69 -20.44 25.69
N ARG B 39 -4.57 -20.58 27.01
CA ARG B 39 -3.36 -20.18 27.75
CA ARG B 39 -3.36 -20.18 27.73
C ARG B 39 -2.08 -20.94 27.40
N ARG B 40 -2.24 -22.26 27.28
CA ARG B 40 -1.09 -23.13 27.03
C ARG B 40 -0.93 -23.87 25.69
N LEU B 41 -2.02 -24.10 24.99
CA LEU B 41 -1.93 -24.89 23.78
C LEU B 41 -2.19 -24.20 22.44
N TRP B 42 -3.12 -23.24 22.46
CA TRP B 42 -3.50 -22.47 21.28
C TRP B 42 -2.25 -21.82 20.66
N GLU B 43 -1.98 -22.15 19.40
CA GLU B 43 -0.83 -21.65 18.64
C GLU B 43 0.53 -22.08 19.16
N ARG B 44 0.56 -23.10 20.01
CA ARG B 44 1.82 -23.56 20.57
C ARG B 44 2.02 -25.05 20.49
N GLU B 45 0.95 -25.81 20.77
CA GLU B 45 1.09 -27.26 20.79
C GLU B 45 0.02 -28.05 20.07
N ALA B 46 0.39 -29.24 19.63
CA ALA B 46 -0.55 -30.14 18.97
C ALA B 46 -1.26 -30.81 20.14
N VAL B 47 -2.57 -31.02 20.00
CA VAL B 47 -3.37 -31.61 21.07
C VAL B 47 -4.32 -32.73 20.61
N LEU B 48 -4.33 -33.84 21.33
CA LEU B 48 -5.24 -34.93 21.01
C LEU B 48 -6.18 -35.06 22.18
N VAL B 49 -7.48 -35.06 21.91
CA VAL B 49 -8.48 -35.26 22.95
C VAL B 49 -9.12 -36.62 22.64
N ARG B 50 -8.73 -37.63 23.41
CA ARG B 50 -9.23 -38.97 23.22
C ARG B 50 -10.56 -39.00 23.96
N ARG B 51 -11.65 -38.85 23.21
CA ARG B 51 -12.99 -38.78 23.76
C ARG B 51 -13.56 -40.01 24.50
N GLN B 52 -13.31 -41.23 23.99
CA GLN B 52 -13.87 -42.45 24.57
C GLN B 52 -15.40 -42.35 24.60
N ASP B 53 -15.96 -41.98 23.45
CA ASP B 53 -17.39 -41.85 23.22
C ASP B 53 -17.60 -41.68 21.72
N HIS B 54 -17.83 -42.79 21.03
CA HIS B 54 -18.01 -42.77 19.58
C HIS B 54 -19.22 -41.99 19.06
N THR B 55 -20.16 -41.68 19.94
CA THR B 55 -21.38 -40.96 19.56
C THR B 55 -21.28 -39.43 19.68
N TYR B 56 -20.14 -38.93 20.16
CA TYR B 56 -19.98 -37.51 20.39
C TYR B 56 -20.44 -36.54 19.30
N TYR B 57 -20.13 -36.81 18.03
CA TYR B 57 -20.49 -35.90 16.94
C TYR B 57 -21.75 -36.30 16.18
N GLN B 58 -22.45 -37.34 16.61
CA GLN B 58 -23.64 -37.75 15.90
C GLN B 58 -24.64 -36.63 15.69
N GLY B 59 -24.98 -36.42 14.41
CA GLY B 59 -25.90 -35.37 14.03
C GLY B 59 -25.17 -34.26 13.28
N LEU B 60 -23.84 -34.22 13.40
CA LEU B 60 -23.05 -33.17 12.74
C LEU B 60 -22.91 -33.40 11.24
N PHE B 61 -22.40 -34.56 10.86
CA PHE B 61 -22.23 -34.85 9.45
C PHE B 61 -21.92 -36.34 9.33
N SER B 62 -22.29 -36.93 8.21
CA SER B 62 -22.04 -38.35 8.00
C SER B 62 -21.83 -38.60 6.52
N THR B 63 -21.40 -39.80 6.17
CA THR B 63 -21.18 -40.12 4.77
C THR B 63 -22.52 -40.21 4.03
N ALA B 64 -23.57 -40.54 4.77
CA ALA B 64 -24.90 -40.64 4.19
C ALA B 64 -25.29 -39.24 3.72
N ASP B 65 -24.98 -38.24 4.54
CA ASP B 65 -25.29 -36.87 4.18
C ASP B 65 -24.57 -36.49 2.89
N LEU B 66 -23.31 -36.90 2.77
CA LEU B 66 -22.54 -36.59 1.57
C LEU B 66 -23.20 -37.19 0.33
N ASP B 67 -23.45 -38.49 0.40
CA ASP B 67 -24.07 -39.21 -0.72
C ASP B 67 -25.36 -38.52 -1.19
N SER B 68 -26.19 -38.16 -0.22
CA SER B 68 -27.46 -37.50 -0.50
C SER B 68 -27.29 -36.12 -1.11
N MET B 69 -26.30 -35.36 -0.64
CA MET B 69 -26.10 -34.03 -1.20
C MET B 69 -25.56 -34.09 -2.64
N LEU B 70 -24.87 -35.18 -2.99
CA LEU B 70 -24.37 -35.33 -4.35
C LEU B 70 -25.55 -35.53 -5.31
N ARG B 71 -26.58 -36.24 -4.88
CA ARG B 71 -27.73 -36.46 -5.75
C ARG B 71 -28.80 -35.37 -5.73
N ASN B 72 -28.97 -34.72 -4.57
CA ASN B 72 -29.99 -33.70 -4.42
C ASN B 72 -29.50 -32.26 -4.58
N GLU B 73 -28.19 -32.05 -4.56
CA GLU B 73 -27.66 -30.71 -4.71
C GLU B 73 -26.81 -30.66 -5.95
N GLU B 74 -26.42 -29.46 -6.35
CA GLU B 74 -25.58 -29.27 -7.53
C GLU B 74 -24.13 -29.18 -7.10
N VAL B 75 -23.54 -30.30 -6.69
CA VAL B 75 -22.15 -30.31 -6.27
C VAL B 75 -21.26 -30.43 -7.51
N GLN B 76 -20.39 -29.44 -7.66
CA GLN B 76 -19.46 -29.37 -8.78
C GLN B 76 -18.04 -29.76 -8.40
N PHE B 77 -17.36 -30.46 -9.29
CA PHE B 77 -15.98 -30.84 -9.03
C PHE B 77 -15.20 -29.53 -9.09
N GLY B 78 -14.11 -29.43 -8.32
CA GLY B 78 -13.32 -28.21 -8.32
C GLY B 78 -13.93 -27.17 -7.41
N GLN B 79 -15.06 -26.62 -7.82
CA GLN B 79 -15.73 -25.59 -7.02
C GLN B 79 -16.20 -26.05 -5.64
N HIS B 80 -16.80 -27.24 -5.57
CA HIS B 80 -17.32 -27.76 -4.30
C HIS B 80 -16.66 -29.03 -3.79
N LEU B 81 -16.18 -29.86 -4.71
CA LEU B 81 -15.59 -31.14 -4.34
C LEU B 81 -14.30 -31.53 -5.07
N ASP B 82 -13.32 -32.02 -4.32
CA ASP B 82 -12.04 -32.46 -4.88
C ASP B 82 -11.87 -33.96 -4.70
N ALA B 83 -11.19 -34.61 -5.63
CA ALA B 83 -10.91 -36.02 -5.50
C ALA B 83 -9.43 -36.12 -5.75
N ALA B 84 -8.71 -36.54 -4.72
CA ALA B 84 -7.27 -36.64 -4.80
C ALA B 84 -6.73 -37.93 -4.19
N ARG B 85 -5.52 -38.30 -4.60
CA ARG B 85 -4.85 -39.46 -4.04
C ARG B 85 -3.34 -39.27 -4.03
N TYR B 86 -2.73 -39.77 -2.98
CA TYR B 86 -1.30 -39.67 -2.78
C TYR B 86 -0.70 -41.07 -2.94
N ILE B 87 0.08 -41.24 -4.00
CA ILE B 87 0.72 -42.53 -4.27
C ILE B 87 2.11 -42.27 -4.86
N ASN B 88 3.07 -43.13 -4.53
CA ASN B 88 4.43 -42.97 -5.04
C ASN B 88 5.05 -41.68 -4.55
N GLY B 89 4.57 -41.19 -3.41
CA GLY B 89 5.11 -39.96 -2.87
C GLY B 89 4.74 -38.79 -3.76
N ARG B 90 3.64 -38.95 -4.49
CA ARG B 90 3.15 -37.90 -5.38
C ARG B 90 1.65 -37.63 -5.26
N ARG B 91 1.30 -36.35 -5.21
CA ARG B 91 -0.10 -35.94 -5.13
C ARG B 91 -0.70 -35.84 -6.51
N GLU B 92 -1.91 -36.35 -6.70
CA GLU B 92 -2.59 -36.22 -7.97
C GLU B 92 -4.03 -35.81 -7.68
N THR B 93 -4.56 -34.94 -8.53
CA THR B 93 -5.93 -34.50 -8.38
C THR B 93 -6.67 -34.99 -9.61
N LEU B 94 -7.82 -35.61 -9.36
CA LEU B 94 -8.61 -36.23 -10.42
C LEU B 94 -9.96 -35.61 -10.79
N ASN B 95 -10.16 -34.33 -10.48
CA ASN B 95 -11.41 -33.68 -10.77
C ASN B 95 -11.85 -33.62 -12.22
N PRO B 96 -12.96 -34.29 -12.54
CA PRO B 96 -13.41 -34.22 -13.95
C PRO B 96 -14.16 -32.90 -13.98
N PRO B 97 -14.26 -32.26 -15.16
CA PRO B 97 -14.98 -30.99 -15.21
C PRO B 97 -16.46 -31.26 -15.06
N GLY B 98 -17.20 -30.29 -14.51
CA GLY B 98 -18.63 -30.50 -14.37
C GLY B 98 -19.17 -30.98 -13.03
N ARG B 99 -20.42 -31.44 -13.07
CA ARG B 99 -21.11 -31.90 -11.88
C ARG B 99 -20.54 -33.20 -11.32
N ALA B 100 -20.48 -33.28 -9.99
CA ALA B 100 -19.97 -34.45 -9.31
C ALA B 100 -21.15 -35.32 -8.92
N LEU B 101 -21.60 -36.15 -9.85
CA LEU B 101 -22.71 -37.05 -9.61
C LEU B 101 -22.26 -38.24 -8.79
N PRO B 102 -23.20 -38.89 -8.08
CA PRO B 102 -22.87 -40.06 -7.26
C PRO B 102 -22.05 -41.11 -8.02
N ALA B 103 -22.42 -41.38 -9.27
CA ALA B 103 -21.70 -42.38 -10.05
C ALA B 103 -20.22 -42.04 -10.24
N ALA B 104 -19.94 -40.79 -10.59
CA ALA B 104 -18.56 -40.35 -10.80
C ALA B 104 -17.78 -40.31 -9.47
N ALA B 105 -18.34 -39.64 -8.47
CA ALA B 105 -17.71 -39.52 -7.16
C ALA B 105 -17.34 -40.87 -6.53
N TRP B 106 -18.30 -41.78 -6.44
CA TRP B 106 -18.05 -43.09 -5.86
C TRP B 106 -17.12 -43.94 -6.73
N SER B 107 -17.06 -43.63 -8.02
CA SER B 107 -16.19 -44.37 -8.92
C SER B 107 -14.77 -44.01 -8.54
N LEU B 108 -14.56 -42.72 -8.29
CA LEU B 108 -13.26 -42.24 -7.91
C LEU B 108 -12.84 -42.77 -6.54
N TYR B 109 -13.81 -42.80 -5.61
CA TYR B 109 -13.56 -43.30 -4.27
C TYR B 109 -13.13 -44.77 -4.34
N GLN B 110 -13.83 -45.51 -5.19
CA GLN B 110 -13.55 -46.92 -5.37
C GLN B 110 -12.14 -47.17 -5.92
N ALA B 111 -11.65 -46.22 -6.71
CA ALA B 111 -10.32 -46.33 -7.30
C ALA B 111 -9.23 -45.81 -6.38
N GLY B 112 -9.59 -45.49 -5.15
CA GLY B 112 -8.59 -45.02 -4.20
C GLY B 112 -8.55 -43.54 -3.87
N CYS B 113 -9.43 -42.75 -4.47
CA CYS B 113 -9.45 -41.32 -4.21
C CYS B 113 -10.18 -40.87 -2.97
N SER B 114 -9.62 -39.86 -2.34
CA SER B 114 -10.27 -39.28 -1.18
C SER B 114 -11.12 -38.19 -1.79
N LEU B 115 -12.26 -37.92 -1.16
CA LEU B 115 -13.15 -36.87 -1.64
C LEU B 115 -13.13 -35.80 -0.57
N ARG B 116 -13.13 -34.55 -0.99
CA ARG B 116 -13.12 -33.45 -0.04
C ARG B 116 -14.15 -32.38 -0.38
N LEU B 117 -15.06 -32.13 0.55
CA LEU B 117 -16.11 -31.13 0.35
C LEU B 117 -15.58 -29.84 0.94
N LEU B 118 -15.45 -28.82 0.08
CA LEU B 118 -14.92 -27.53 0.48
C LEU B 118 -15.79 -26.61 1.36
N CYS B 119 -17.10 -26.62 1.15
CA CYS B 119 -17.96 -25.75 1.93
C CYS B 119 -19.19 -26.51 2.45
N PRO B 120 -18.95 -27.47 3.33
CA PRO B 120 -20.04 -28.28 3.90
C PRO B 120 -21.11 -27.42 4.55
N GLN B 121 -20.71 -26.26 5.04
CA GLN B 121 -21.66 -25.39 5.71
C GLN B 121 -22.68 -24.76 4.75
N ALA B 122 -22.47 -24.94 3.44
CA ALA B 122 -23.39 -24.40 2.45
C ALA B 122 -24.47 -25.43 2.14
N PHE B 123 -24.20 -26.70 2.47
CA PHE B 123 -25.14 -27.80 2.21
C PHE B 123 -25.72 -28.41 3.48
N SER B 124 -25.09 -28.16 4.62
CA SER B 124 -25.57 -28.70 5.87
C SER B 124 -25.87 -27.57 6.85
N THR B 125 -27.08 -27.55 7.38
CA THR B 125 -27.43 -26.50 8.34
C THR B 125 -26.86 -26.79 9.71
N THR B 126 -26.53 -28.04 9.99
CA THR B 126 -25.96 -28.39 11.28
C THR B 126 -24.54 -27.86 11.34
N VAL B 127 -23.78 -28.14 10.28
CA VAL B 127 -22.39 -27.67 10.20
C VAL B 127 -22.39 -26.13 10.21
N TRP B 128 -23.40 -25.54 9.57
CA TRP B 128 -23.54 -24.10 9.52
C TRP B 128 -23.71 -23.47 10.91
N GLN B 129 -24.63 -23.99 11.71
CA GLN B 129 -24.86 -23.47 13.05
C GLN B 129 -23.62 -23.64 13.92
N PHE B 130 -23.01 -24.81 13.79
CA PHE B 130 -21.80 -25.18 14.51
C PHE B 130 -20.73 -24.11 14.31
N LEU B 131 -20.42 -23.81 13.05
CA LEU B 131 -19.41 -22.81 12.72
C LEU B 131 -19.87 -21.37 13.00
N ALA B 132 -21.16 -21.11 12.85
CA ALA B 132 -21.69 -19.76 13.08
C ALA B 132 -21.60 -19.39 14.56
N VAL B 133 -21.73 -20.39 15.43
CA VAL B 133 -21.64 -20.15 16.84
C VAL B 133 -20.17 -20.03 17.23
N LEU B 134 -19.36 -21.01 16.83
CA LEU B 134 -17.94 -20.98 17.17
C LEU B 134 -17.19 -19.74 16.66
N GLN B 135 -17.59 -19.19 15.52
CA GLN B 135 -16.92 -18.00 15.00
C GLN B 135 -17.02 -16.82 15.98
N GLU B 136 -18.10 -16.77 16.76
CA GLU B 136 -18.30 -15.70 17.72
C GLU B 136 -17.27 -15.70 18.85
N GLN B 137 -16.75 -16.86 19.24
CA GLN B 137 -15.75 -16.89 20.30
C GLN B 137 -14.32 -17.00 19.74
N PHE B 138 -14.20 -17.08 18.41
CA PHE B 138 -12.88 -17.13 17.80
C PHE B 138 -12.59 -15.70 17.40
N GLY B 139 -13.64 -14.94 17.11
CA GLY B 139 -13.44 -13.57 16.69
C GLY B 139 -12.81 -13.61 15.32
N SER B 140 -13.03 -14.73 14.64
CA SER B 140 -12.45 -14.96 13.33
C SER B 140 -13.35 -15.90 12.52
N MET B 141 -13.32 -15.78 11.19
CA MET B 141 -14.14 -16.66 10.36
C MET B 141 -13.82 -18.14 10.65
N ALA B 142 -14.85 -18.94 10.81
CA ALA B 142 -14.69 -20.36 11.08
C ALA B 142 -15.13 -21.15 9.86
N GLY B 143 -14.17 -21.69 9.12
CA GLY B 143 -14.53 -22.46 7.95
C GLY B 143 -14.41 -23.95 8.20
N SER B 144 -14.60 -24.78 7.18
CA SER B 144 -14.46 -26.22 7.38
C SER B 144 -14.40 -26.99 6.07
N ASN B 145 -13.84 -28.19 6.14
CA ASN B 145 -13.72 -29.08 4.99
C ASN B 145 -14.10 -30.46 5.50
N VAL B 146 -14.63 -31.31 4.62
CA VAL B 146 -14.94 -32.67 5.02
C VAL B 146 -14.11 -33.59 4.15
N TYR B 147 -13.48 -34.56 4.81
CA TYR B 147 -12.58 -35.50 4.15
C TYR B 147 -13.03 -36.95 4.28
N LEU B 148 -13.18 -37.61 3.15
CA LEU B 148 -13.60 -39.00 3.13
C LEU B 148 -12.53 -39.78 2.39
N THR B 149 -11.88 -40.69 3.11
CA THR B 149 -10.82 -41.48 2.54
C THR B 149 -11.14 -42.97 2.54
N PRO B 150 -10.88 -43.65 1.41
CA PRO B 150 -11.16 -45.09 1.32
C PRO B 150 -10.05 -45.87 2.03
N PRO B 151 -10.33 -47.10 2.46
CA PRO B 151 -9.40 -47.99 3.16
C PRO B 151 -8.09 -48.15 2.39
N ASN B 152 -7.00 -48.34 3.13
CA ASN B 152 -5.69 -48.54 2.49
C ASN B 152 -5.27 -47.47 1.48
N SER B 153 -5.40 -46.21 1.88
CA SER B 153 -5.04 -45.13 0.98
C SER B 153 -4.75 -43.82 1.70
N GLN B 154 -4.05 -42.93 1.00
CA GLN B 154 -3.73 -41.61 1.51
C GLN B 154 -4.22 -40.69 0.42
N GLY B 155 -4.92 -39.63 0.80
CA GLY B 155 -5.42 -38.71 -0.19
C GLY B 155 -4.49 -37.54 -0.48
N PHE B 156 -3.83 -37.04 0.54
CA PHE B 156 -2.94 -35.89 0.37
C PHE B 156 -1.53 -36.10 0.86
N ALA B 157 -0.60 -35.34 0.27
CA ALA B 157 0.82 -35.39 0.62
C ALA B 157 1.01 -34.58 1.89
N PRO B 158 2.03 -34.91 2.71
CA PRO B 158 2.20 -34.13 3.93
C PRO B 158 2.40 -32.67 3.56
N HIS B 159 1.89 -31.78 4.39
CA HIS B 159 1.93 -30.34 4.16
C HIS B 159 1.52 -29.67 5.45
N TYR B 160 1.54 -28.35 5.48
CA TYR B 160 1.01 -27.65 6.64
C TYR B 160 0.05 -26.63 6.05
N ASP B 161 -0.91 -26.24 6.87
CA ASP B 161 -1.93 -25.28 6.46
C ASP B 161 -1.68 -23.91 7.04
N ASP B 162 -2.41 -22.91 6.55
CA ASP B 162 -2.26 -21.54 7.01
C ASP B 162 -3.30 -21.13 8.04
N ILE B 163 -3.92 -22.13 8.68
CA ILE B 163 -4.95 -21.86 9.68
C ILE B 163 -4.84 -22.76 10.91
N GLU B 164 -5.56 -22.40 11.97
CA GLU B 164 -5.61 -23.18 13.20
C GLU B 164 -6.60 -24.26 12.85
N ALA B 165 -6.18 -25.51 13.01
CA ALA B 165 -7.04 -26.62 12.64
C ALA B 165 -7.53 -27.55 13.76
N PHE B 166 -8.83 -27.86 13.74
CA PHE B 166 -9.44 -28.78 14.71
C PHE B 166 -10.06 -29.94 13.91
N VAL B 167 -9.42 -31.10 13.97
CA VAL B 167 -9.91 -32.27 13.26
C VAL B 167 -10.92 -33.06 14.10
N LEU B 168 -12.10 -33.29 13.56
CA LEU B 168 -13.15 -34.03 14.25
C LEU B 168 -13.38 -35.38 13.55
N GLN B 169 -12.98 -36.47 14.19
CA GLN B 169 -13.17 -37.79 13.61
C GLN B 169 -14.65 -38.18 13.72
N LEU B 170 -15.29 -38.34 12.57
CA LEU B 170 -16.71 -38.66 12.48
C LEU B 170 -17.02 -40.14 12.24
N GLU B 171 -16.28 -40.79 11.33
CA GLU B 171 -16.49 -42.21 11.02
C GLU B 171 -15.17 -42.94 10.79
N GLY B 172 -15.13 -44.23 11.09
CA GLY B 172 -13.93 -45.03 10.87
C GLY B 172 -12.72 -44.60 11.69
N ARG B 173 -11.53 -45.00 11.23
CA ARG B 173 -10.31 -44.59 11.92
CA ARG B 173 -10.29 -44.62 11.91
C ARG B 173 -9.25 -44.19 10.90
N LYS B 174 -8.32 -43.35 11.36
CA LYS B 174 -7.29 -42.84 10.47
C LYS B 174 -5.99 -42.65 11.23
N LEU B 175 -4.88 -43.10 10.65
CA LEU B 175 -3.57 -42.94 11.29
C LEU B 175 -3.00 -41.57 10.95
N TRP B 176 -2.93 -40.70 11.96
CA TRP B 176 -2.40 -39.36 11.79
C TRP B 176 -0.97 -39.18 12.28
N ARG B 177 -0.24 -38.30 11.61
CA ARG B 177 1.12 -37.97 12.00
C ARG B 177 1.21 -36.46 11.92
N VAL B 178 1.55 -35.85 13.06
CA VAL B 178 1.70 -34.42 13.16
C VAL B 178 3.15 -34.13 13.57
N TYR B 179 3.78 -33.18 12.87
CA TYR B 179 5.16 -32.79 13.13
C TYR B 179 5.24 -31.34 13.60
N ARG B 180 6.15 -31.04 14.51
CA ARG B 180 6.28 -29.66 14.97
C ARG B 180 6.94 -28.88 13.85
N PRO B 181 6.82 -27.55 13.87
CA PRO B 181 7.42 -26.70 12.83
C PRO B 181 8.86 -27.11 12.59
N ARG B 182 9.23 -27.33 11.34
CA ARG B 182 10.59 -27.75 11.01
C ARG B 182 11.67 -26.71 11.27
N ALA B 183 11.30 -25.43 11.26
CA ALA B 183 12.26 -24.37 11.45
C ALA B 183 11.59 -23.09 11.91
N PRO B 184 12.37 -22.17 12.51
CA PRO B 184 11.86 -20.88 13.01
C PRO B 184 10.84 -20.21 12.08
N THR B 185 11.14 -20.19 10.77
CA THR B 185 10.25 -19.56 9.80
C THR B 185 8.92 -20.27 9.57
N GLU B 186 8.88 -21.58 9.79
CA GLU B 186 7.65 -22.32 9.58
C GLU B 186 6.73 -22.30 10.81
N GLU B 187 7.21 -21.68 11.88
CA GLU B 187 6.41 -21.59 13.10
C GLU B 187 5.31 -20.56 12.84
N LEU B 188 4.05 -20.95 13.04
CA LEU B 188 2.91 -20.06 12.79
C LEU B 188 3.06 -19.46 11.40
N ALA B 189 3.18 -20.33 10.41
CA ALA B 189 3.34 -19.95 9.02
C ALA B 189 2.23 -19.02 8.54
N LEU B 190 2.54 -18.22 7.52
CA LEU B 190 1.60 -17.27 6.94
C LEU B 190 0.81 -17.85 5.79
N THR B 191 1.45 -18.75 5.05
CA THR B 191 0.83 -19.34 3.89
C THR B 191 0.89 -20.86 3.92
N CYS B 192 0.01 -21.49 3.15
CA CYS B 192 -0.03 -22.94 3.05
C CYS B 192 1.31 -23.36 2.46
N SER B 193 1.77 -24.56 2.79
CA SER B 193 3.05 -25.01 2.29
C SER B 193 2.89 -25.83 1.02
N PRO B 194 4.00 -26.08 0.34
CA PRO B 194 3.94 -26.87 -0.89
C PRO B 194 3.79 -28.29 -0.37
N ASN B 195 3.60 -29.26 -1.26
CA ASN B 195 3.48 -30.62 -0.81
C ASN B 195 4.89 -31.12 -0.49
N PHE B 196 5.04 -31.82 0.64
CA PHE B 196 6.34 -32.33 1.06
C PHE B 196 6.44 -33.83 0.80
N SER B 197 7.66 -34.31 0.66
CA SER B 197 7.88 -35.75 0.48
C SER B 197 8.31 -36.16 1.87
N GLN B 198 8.30 -37.46 2.14
CA GLN B 198 8.70 -37.98 3.44
C GLN B 198 10.14 -37.59 3.83
N ASP B 199 11.02 -37.51 2.84
CA ASP B 199 12.42 -37.14 3.08
C ASP B 199 12.54 -35.75 3.70
N ASP B 200 11.54 -34.90 3.47
CA ASP B 200 11.55 -33.54 4.02
C ASP B 200 11.09 -33.52 5.46
N LEU B 201 10.63 -34.66 5.96
CA LEU B 201 10.09 -34.72 7.30
C LEU B 201 10.94 -35.34 8.42
N GLY B 202 10.82 -34.79 9.61
CA GLY B 202 11.56 -35.32 10.75
C GLY B 202 10.69 -36.32 11.47
N GLU B 203 10.78 -36.38 12.79
CA GLU B 203 9.97 -37.31 13.57
C GLU B 203 8.65 -36.68 13.99
N PRO B 204 7.57 -37.46 13.98
CA PRO B 204 6.26 -36.93 14.36
C PRO B 204 6.24 -36.57 15.83
N VAL B 205 5.62 -35.45 16.20
CA VAL B 205 5.53 -35.09 17.61
C VAL B 205 4.28 -35.82 18.12
N LEU B 206 3.43 -36.21 17.18
CA LEU B 206 2.19 -36.90 17.52
C LEU B 206 1.86 -37.93 16.42
N GLN B 207 1.68 -39.19 16.81
CA GLN B 207 1.32 -40.24 15.85
C GLN B 207 0.28 -41.11 16.54
N THR B 208 -0.93 -41.12 15.99
CA THR B 208 -2.00 -41.86 16.61
C THR B 208 -3.16 -42.18 15.67
N VAL B 209 -3.98 -43.15 16.08
CA VAL B 209 -5.14 -43.54 15.32
C VAL B 209 -6.37 -42.85 15.92
N LEU B 210 -7.00 -41.96 15.16
CA LEU B 210 -8.18 -41.25 15.65
C LEU B 210 -9.41 -42.14 15.54
N GLU B 211 -10.33 -42.00 16.49
CA GLU B 211 -11.55 -42.79 16.69
CA GLU B 211 -11.57 -42.79 16.60
C GLU B 211 -12.76 -41.84 16.67
N PRO B 212 -13.87 -42.13 15.99
CA PRO B 212 -15.00 -41.22 15.99
C PRO B 212 -15.22 -40.62 17.39
N GLY B 213 -15.35 -39.30 17.44
CA GLY B 213 -15.55 -38.61 18.70
C GLY B 213 -14.28 -37.89 19.11
N ASP B 214 -13.13 -38.40 18.63
CA ASP B 214 -11.84 -37.79 18.97
C ASP B 214 -11.63 -36.41 18.34
N LEU B 215 -10.76 -35.62 18.95
CA LEU B 215 -10.43 -34.29 18.46
C LEU B 215 -8.92 -34.18 18.39
N LEU B 216 -8.40 -33.60 17.31
CA LEU B 216 -6.97 -33.41 17.13
C LEU B 216 -6.72 -31.99 16.64
N TYR B 217 -6.13 -31.15 17.49
CA TYR B 217 -5.85 -29.75 17.14
C TYR B 217 -4.38 -29.49 16.89
N PHE B 218 -4.10 -28.63 15.93
CA PHE B 218 -2.72 -28.24 15.66
C PHE B 218 -2.66 -26.92 14.94
N PRO B 219 -1.67 -26.10 15.30
CA PRO B 219 -1.44 -24.76 14.73
C PRO B 219 -0.97 -24.77 13.29
N ARG B 220 -1.13 -23.62 12.64
CA ARG B 220 -0.69 -23.45 11.27
C ARG B 220 0.82 -23.62 11.34
N GLY B 221 1.42 -24.29 10.36
CA GLY B 221 2.85 -24.50 10.38
C GLY B 221 3.21 -25.92 10.76
N PHE B 222 2.31 -26.58 11.50
CA PHE B 222 2.53 -27.97 11.91
C PHE B 222 2.20 -28.85 10.74
N ILE B 223 3.21 -29.53 10.23
CA ILE B 223 2.99 -30.42 9.09
C ILE B 223 2.20 -31.65 9.55
N HIS B 224 1.32 -32.14 8.69
CA HIS B 224 0.54 -33.30 9.03
C HIS B 224 0.21 -34.10 7.80
N GLN B 225 -0.19 -35.34 8.02
CA GLN B 225 -0.61 -36.24 6.96
C GLN B 225 -1.39 -37.33 7.67
N ALA B 226 -2.16 -38.10 6.91
CA ALA B 226 -2.97 -39.13 7.52
C ALA B 226 -3.33 -40.18 6.48
N GLU B 227 -3.48 -41.41 6.95
CA GLU B 227 -3.81 -42.52 6.06
C GLU B 227 -4.78 -43.54 6.66
N CYS B 228 -5.56 -44.19 5.80
CA CYS B 228 -6.49 -45.21 6.26
C CYS B 228 -5.75 -46.50 6.08
N GLN B 229 -5.83 -47.33 7.08
CA GLN B 229 -5.20 -48.63 7.06
C GLN B 229 -6.22 -49.69 6.72
N ASP B 230 -5.90 -50.94 7.03
CA ASP B 230 -6.69 -52.02 6.49
C ASP B 230 -8.14 -51.98 6.92
N GLY B 231 -9.00 -52.10 5.92
CA GLY B 231 -10.39 -52.45 6.08
C GLY B 231 -11.39 -51.40 6.47
N VAL B 232 -10.97 -50.17 6.67
CA VAL B 232 -11.95 -49.20 7.10
C VAL B 232 -11.59 -47.81 6.61
N HIS B 233 -12.62 -47.12 6.14
CA HIS B 233 -12.50 -45.77 5.62
C HIS B 233 -12.38 -44.79 6.78
N SER B 234 -12.39 -43.50 6.44
CA SER B 234 -12.34 -42.44 7.42
C SER B 234 -13.07 -41.23 6.91
N LEU B 235 -13.83 -40.60 7.80
CA LEU B 235 -14.56 -39.39 7.47
C LEU B 235 -14.31 -38.46 8.64
N HIS B 236 -13.87 -37.25 8.33
CA HIS B 236 -13.65 -36.28 9.38
C HIS B 236 -13.95 -34.88 8.88
N LEU B 237 -14.25 -33.99 9.81
CA LEU B 237 -14.54 -32.62 9.46
C LEU B 237 -13.48 -31.76 10.12
N THR B 238 -12.75 -31.00 9.30
CA THR B 238 -11.72 -30.13 9.83
C THR B 238 -12.25 -28.72 9.91
N LEU B 239 -12.31 -28.21 11.13
CA LEU B 239 -12.75 -26.85 11.39
C LEU B 239 -11.50 -26.00 11.30
N SER B 240 -11.61 -24.87 10.62
CA SER B 240 -10.47 -23.98 10.46
C SER B 240 -10.78 -22.56 10.89
N THR B 241 -9.77 -21.85 11.37
CA THR B 241 -9.96 -20.46 11.78
C THR B 241 -8.60 -19.72 11.81
N TYR B 242 -8.67 -18.41 12.05
CA TYR B 242 -7.48 -17.60 12.12
C TYR B 242 -6.59 -17.59 10.87
N GLN B 243 -7.17 -17.18 9.76
CA GLN B 243 -6.40 -17.08 8.54
C GLN B 243 -6.05 -15.61 8.49
N ARG B 244 -4.74 -15.33 8.38
CA ARG B 244 -4.24 -13.95 8.30
C ARG B 244 -4.83 -13.02 9.38
N ASN B 245 -4.83 -13.47 10.63
CA ASN B 245 -5.39 -12.70 11.73
C ASN B 245 -4.30 -12.45 12.73
N THR B 246 -3.13 -12.06 12.22
CA THR B 246 -1.94 -11.83 13.04
C THR B 246 -1.64 -10.35 13.34
N TRP B 247 -0.72 -10.15 14.27
CA TRP B 247 -0.29 -8.81 14.65
C TRP B 247 0.34 -8.13 13.46
N GLY B 248 1.04 -8.91 12.63
CA GLY B 248 1.66 -8.37 11.43
C GLY B 248 0.59 -7.85 10.49
N ASP B 249 -0.55 -8.55 10.43
CA ASP B 249 -1.66 -8.13 9.56
C ASP B 249 -2.25 -6.80 10.05
N PHE B 250 -2.31 -6.64 11.36
CA PHE B 250 -2.83 -5.42 11.96
C PHE B 250 -1.90 -4.25 11.59
N LEU B 251 -0.59 -4.48 11.70
CA LEU B 251 0.40 -3.47 11.38
C LEU B 251 0.35 -3.07 9.90
N GLU B 252 0.12 -4.05 9.03
CA GLU B 252 0.01 -3.80 7.59
C GLU B 252 -1.00 -2.71 7.30
N ALA B 253 -2.15 -2.79 7.97
CA ALA B 253 -3.21 -1.80 7.75
C ALA B 253 -2.88 -0.49 8.47
N ILE B 254 -2.22 -0.59 9.62
CA ILE B 254 -1.86 0.55 10.45
C ILE B 254 -0.81 1.50 9.81
N LEU B 255 0.32 0.93 9.43
CA LEU B 255 1.42 1.70 8.89
C LEU B 255 1.15 2.76 7.81
N PRO B 256 0.48 2.40 6.70
CA PRO B 256 0.21 3.42 5.69
C PRO B 256 -0.53 4.62 6.30
N LEU B 257 -1.48 4.32 7.18
CA LEU B 257 -2.26 5.36 7.84
C LEU B 257 -1.45 6.15 8.84
N ALA B 258 -0.55 5.47 9.55
CA ALA B 258 0.30 6.11 10.53
C ALA B 258 1.25 7.12 9.88
N VAL B 259 1.97 6.67 8.85
CA VAL B 259 2.92 7.55 8.17
C VAL B 259 2.22 8.76 7.53
N GLN B 260 1.01 8.54 7.02
CA GLN B 260 0.28 9.64 6.40
C GLN B 260 -0.06 10.64 7.48
N ALA B 261 -0.53 10.13 8.62
CA ALA B 261 -0.91 10.97 9.74
C ALA B 261 0.30 11.76 10.23
N ALA B 262 1.42 11.07 10.41
CA ALA B 262 2.65 11.70 10.88
C ALA B 262 3.10 12.82 9.95
N MET B 263 3.05 12.57 8.64
CA MET B 263 3.46 13.57 7.67
C MET B 263 2.56 14.80 7.70
N GLU B 264 1.28 14.60 7.99
CA GLU B 264 0.34 15.71 8.05
C GLU B 264 0.38 16.49 9.35
N GLU B 265 0.85 15.85 10.42
CA GLU B 265 0.86 16.47 11.73
C GLU B 265 2.22 16.86 12.33
N ASN B 266 3.31 16.34 11.77
CA ASN B 266 4.62 16.64 12.28
C ASN B 266 5.59 16.97 11.15
N VAL B 267 6.11 18.20 11.15
CA VAL B 267 7.03 18.67 10.13
C VAL B 267 8.30 17.82 9.91
N GLU B 268 8.73 17.09 10.93
CA GLU B 268 9.93 16.26 10.80
C GLU B 268 9.74 15.17 9.73
N PHE B 269 8.50 14.82 9.43
CA PHE B 269 8.23 13.80 8.42
C PHE B 269 8.09 14.44 7.04
N ARG B 270 7.96 15.76 7.01
CA ARG B 270 7.81 16.49 5.75
C ARG B 270 9.11 17.11 5.26
N ARG B 271 10.16 17.02 6.06
CA ARG B 271 11.44 17.59 5.65
C ARG B 271 12.01 16.82 4.47
N GLY B 272 12.74 17.52 3.62
CA GLY B 272 13.32 16.88 2.47
C GLY B 272 14.49 15.95 2.79
N LEU B 273 14.66 14.95 1.93
CA LEU B 273 15.74 14.00 2.08
C LEU B 273 17.05 14.71 1.69
N PRO B 274 18.19 14.09 1.99
CA PRO B 274 19.47 14.72 1.64
C PRO B 274 19.55 14.83 0.12
N ARG B 275 20.22 15.85 -0.39
CA ARG B 275 20.35 16.01 -1.82
C ARG B 275 21.29 14.97 -2.42
N ASP B 276 22.14 14.40 -1.57
CA ASP B 276 23.13 13.44 -2.03
C ASP B 276 23.13 12.06 -1.37
N PHE B 277 22.01 11.67 -0.75
CA PHE B 277 21.97 10.37 -0.09
C PHE B 277 22.15 9.19 -1.05
N MET B 278 21.89 9.42 -2.33
CA MET B 278 22.07 8.35 -3.32
C MET B 278 23.57 8.06 -3.47
N ASP B 279 24.40 8.94 -2.92
CA ASP B 279 25.84 8.78 -2.99
C ASP B 279 26.35 7.75 -2.01
N TYR B 280 25.61 7.56 -0.91
CA TYR B 280 26.02 6.60 0.10
C TYR B 280 24.96 5.57 0.52
N MET B 281 23.77 5.66 -0.06
CA MET B 281 22.71 4.70 0.24
C MET B 281 22.48 3.94 -1.06
N GLY B 282 22.08 2.67 -0.93
CA GLY B 282 21.84 1.83 -2.09
C GLY B 282 22.64 0.57 -1.93
N ALA B 283 22.21 -0.51 -2.58
CA ALA B 283 22.91 -1.79 -2.49
C ALA B 283 24.39 -1.66 -2.84
N GLN B 284 24.69 -0.78 -3.79
CA GLN B 284 26.07 -0.57 -4.23
C GLN B 284 26.95 0.01 -3.12
N HIS B 285 26.33 0.56 -2.09
CA HIS B 285 27.07 1.17 -1.00
C HIS B 285 26.83 0.50 0.36
N SER B 286 26.28 -0.71 0.34
CA SER B 286 26.00 -1.42 1.59
C SER B 286 27.22 -1.54 2.50
N ASP B 287 28.40 -1.30 1.95
CA ASP B 287 29.64 -1.39 2.73
C ASP B 287 30.40 -0.08 2.85
N SER B 288 29.75 1.03 2.52
CA SER B 288 30.38 2.34 2.62
C SER B 288 30.70 2.65 4.08
N LYS B 289 31.86 3.27 4.31
CA LYS B 289 32.27 3.61 5.66
C LYS B 289 31.88 5.07 5.92
N ASP B 290 30.99 5.60 5.10
CA ASP B 290 30.53 6.97 5.23
C ASP B 290 29.64 7.06 6.45
N PRO B 291 29.95 7.97 7.38
CA PRO B 291 29.14 8.15 8.59
C PRO B 291 27.75 8.71 8.28
N ARG B 292 27.67 9.47 7.19
CA ARG B 292 26.40 10.05 6.76
C ARG B 292 25.40 8.92 6.64
N ARG B 293 25.90 7.76 6.24
CA ARG B 293 25.09 6.57 6.08
C ARG B 293 24.57 6.07 7.43
N THR B 294 25.44 6.03 8.42
CA THR B 294 25.04 5.56 9.74
C THR B 294 23.99 6.52 10.30
N ALA B 295 24.17 7.80 9.99
CA ALA B 295 23.24 8.83 10.43
C ALA B 295 21.90 8.66 9.72
N PHE B 296 21.96 8.25 8.45
CA PHE B 296 20.75 8.04 7.66
C PHE B 296 19.89 6.92 8.28
N MET B 297 20.53 5.78 8.52
CA MET B 297 19.85 4.61 9.09
C MET B 297 19.31 4.90 10.48
N GLU B 298 20.07 5.67 11.26
CA GLU B 298 19.64 5.99 12.60
C GLU B 298 18.37 6.84 12.53
N LYS B 299 18.36 7.82 11.63
CA LYS B 299 17.21 8.69 11.46
C LYS B 299 15.98 7.88 11.04
N VAL B 300 16.20 6.89 10.17
CA VAL B 300 15.12 6.04 9.70
C VAL B 300 14.50 5.30 10.88
N ARG B 301 15.35 4.73 11.73
CA ARG B 301 14.87 3.98 12.89
C ARG B 301 14.12 4.85 13.87
N VAL B 302 14.56 6.10 14.01
CA VAL B 302 13.91 7.04 14.92
C VAL B 302 12.52 7.40 14.43
N LEU B 303 12.41 7.82 13.17
CA LEU B 303 11.12 8.19 12.62
C LEU B 303 10.14 7.00 12.64
N VAL B 304 10.62 5.80 12.33
CA VAL B 304 9.76 4.62 12.33
C VAL B 304 9.20 4.35 13.72
N ALA B 305 10.07 4.37 14.71
CA ALA B 305 9.66 4.15 16.10
C ALA B 305 8.61 5.19 16.47
N ARG B 306 8.79 6.41 15.96
CA ARG B 306 7.94 7.55 16.28
CA ARG B 306 7.92 7.52 16.33
C ARG B 306 6.53 7.19 15.80
N LEU B 307 6.36 6.51 14.67
CA LEU B 307 5.04 6.30 14.07
C LEU B 307 4.04 5.71 15.06
N GLY B 308 4.53 5.04 16.09
CA GLY B 308 3.65 4.45 17.08
C GLY B 308 2.67 5.45 17.68
N HIS B 309 3.12 6.68 17.82
CA HIS B 309 2.30 7.76 18.37
C HIS B 309 1.20 8.22 17.39
N PHE B 310 1.37 7.91 16.12
CA PHE B 310 0.40 8.31 15.11
C PHE B 310 -0.48 7.18 14.55
N ALA B 311 -0.33 5.98 15.09
CA ALA B 311 -1.10 4.83 14.63
C ALA B 311 -2.60 4.89 14.98
N PRO B 312 -3.47 4.85 13.96
CA PRO B 312 -4.92 4.90 14.19
C PRO B 312 -5.40 3.47 14.54
N VAL B 313 -5.04 3.04 15.75
CA VAL B 313 -5.38 1.70 16.22
C VAL B 313 -6.88 1.38 16.29
N ASP B 314 -7.69 2.32 16.77
CA ASP B 314 -9.12 2.07 16.85
C ASP B 314 -9.78 1.99 15.47
N ALA B 315 -9.30 2.77 14.51
CA ALA B 315 -9.89 2.77 13.18
C ALA B 315 -9.58 1.47 12.43
N VAL B 316 -8.38 0.93 12.62
CA VAL B 316 -8.00 -0.32 11.98
C VAL B 316 -8.75 -1.46 12.65
N ALA B 317 -8.98 -1.35 13.96
CA ALA B 317 -9.70 -2.39 14.67
C ALA B 317 -11.12 -2.43 14.10
N ASP B 318 -11.70 -1.27 13.86
CA ASP B 318 -13.04 -1.21 13.31
C ASP B 318 -13.09 -1.77 11.89
N GLN B 319 -12.08 -1.48 11.09
CA GLN B 319 -12.03 -1.99 9.72
C GLN B 319 -11.97 -3.50 9.70
N ARG B 320 -11.16 -4.08 10.60
CA ARG B 320 -11.04 -5.52 10.67
C ARG B 320 -12.35 -6.13 11.14
N ALA B 321 -13.04 -5.43 12.03
CA ALA B 321 -14.31 -5.91 12.55
C ALA B 321 -15.34 -5.89 11.42
N LYS B 322 -15.24 -4.88 10.57
CA LYS B 322 -16.14 -4.73 9.43
C LYS B 322 -15.92 -5.86 8.43
N ASP B 323 -14.66 -6.23 8.21
CA ASP B 323 -14.34 -7.29 7.28
C ASP B 323 -14.73 -8.64 7.85
N PHE B 324 -14.73 -8.74 9.18
CA PHE B 324 -15.11 -9.97 9.84
C PHE B 324 -16.63 -10.12 9.77
N ILE B 325 -17.34 -9.00 9.85
CA ILE B 325 -18.80 -9.03 9.76
C ILE B 325 -19.18 -9.47 8.34
N HIS B 326 -18.39 -9.04 7.36
CA HIS B 326 -18.61 -9.40 5.95
C HIS B 326 -18.29 -10.89 5.76
N ASP B 327 -17.25 -11.36 6.45
CA ASP B 327 -16.81 -12.76 6.38
C ASP B 327 -17.74 -13.72 7.08
N SER B 328 -18.41 -13.20 8.11
CA SER B 328 -19.30 -14.01 8.93
C SER B 328 -20.43 -14.81 8.27
N LEU B 329 -20.71 -15.96 8.85
CA LEU B 329 -21.81 -16.78 8.39
C LEU B 329 -22.95 -16.09 9.08
N PRO B 330 -24.15 -16.15 8.50
CA PRO B 330 -25.32 -15.52 9.12
C PRO B 330 -25.69 -16.25 10.42
N PRO B 331 -26.29 -15.54 11.37
CA PRO B 331 -26.69 -16.12 12.66
C PRO B 331 -27.72 -17.23 12.63
N VAL B 332 -27.65 -18.12 13.61
CA VAL B 332 -28.64 -19.18 13.72
C VAL B 332 -29.37 -18.79 14.98
N LEU B 333 -30.63 -18.42 14.80
CA LEU B 333 -31.47 -17.97 15.89
C LEU B 333 -31.99 -19.06 16.81
N THR B 334 -32.22 -18.70 18.07
CA THR B 334 -32.79 -19.64 19.01
C THR B 334 -34.30 -19.44 18.82
N ASP B 335 -35.11 -20.42 19.23
CA ASP B 335 -36.55 -20.33 19.10
C ASP B 335 -37.07 -19.02 19.70
N ARG B 336 -36.51 -18.64 20.85
CA ARG B 336 -36.92 -17.43 21.52
C ARG B 336 -36.54 -16.20 20.69
N GLU B 337 -35.30 -16.18 20.20
CA GLU B 337 -34.82 -15.06 19.38
C GLU B 337 -35.72 -14.86 18.17
N ARG B 338 -35.99 -15.93 17.44
CA ARG B 338 -36.84 -15.84 16.26
C ARG B 338 -38.22 -15.33 16.67
N ALA B 339 -38.81 -15.99 17.66
CA ALA B 339 -40.14 -15.63 18.15
C ALA B 339 -40.34 -14.19 18.59
N LEU B 340 -39.25 -13.53 19.01
CA LEU B 340 -39.31 -12.15 19.49
C LEU B 340 -38.71 -11.18 18.49
N SER B 341 -38.51 -11.63 17.26
CA SER B 341 -37.93 -10.78 16.23
C SER B 341 -38.88 -10.69 15.04
N VAL B 342 -38.53 -9.86 14.07
CA VAL B 342 -39.37 -9.70 12.89
C VAL B 342 -39.52 -11.05 12.17
N TYR B 343 -38.51 -11.90 12.30
CA TYR B 343 -38.53 -13.21 11.66
C TYR B 343 -39.68 -14.09 12.15
N GLY B 344 -40.09 -13.84 13.40
CA GLY B 344 -41.15 -14.63 13.98
C GLY B 344 -42.53 -14.00 14.10
N LEU B 345 -42.70 -12.80 13.54
CA LEU B 345 -43.99 -12.13 13.56
C LEU B 345 -44.95 -13.11 12.90
N PRO B 346 -46.11 -13.35 13.53
CA PRO B 346 -47.15 -14.28 13.05
C PRO B 346 -47.90 -13.91 11.75
N ILE B 347 -47.54 -12.78 11.13
CA ILE B 347 -48.20 -12.36 9.91
C ILE B 347 -47.87 -13.22 8.68
N ARG B 348 -48.91 -13.83 8.12
CA ARG B 348 -48.76 -14.63 6.92
C ARG B 348 -50.08 -14.66 6.14
N TRP B 349 -50.15 -15.54 5.14
CA TRP B 349 -51.32 -15.66 4.28
C TRP B 349 -52.28 -16.79 4.63
N GLU B 350 -53.55 -16.47 4.80
CA GLU B 350 -54.60 -17.47 4.99
C GLU B 350 -55.85 -17.07 4.23
N ALA B 351 -56.60 -18.04 3.73
CA ALA B 351 -57.77 -17.73 2.93
C ALA B 351 -57.26 -16.78 1.87
N GLY B 352 -57.99 -15.70 1.65
CA GLY B 352 -57.58 -14.70 0.68
C GLY B 352 -56.86 -13.44 1.14
N GLU B 353 -56.22 -13.45 2.29
CA GLU B 353 -55.67 -12.20 2.82
C GLU B 353 -54.62 -12.40 3.91
N PRO B 354 -53.88 -11.33 4.20
CA PRO B 354 -52.84 -11.35 5.23
C PRO B 354 -53.56 -11.40 6.56
N VAL B 355 -53.02 -12.17 7.51
CA VAL B 355 -53.61 -12.29 8.85
C VAL B 355 -52.57 -11.87 9.90
N ASN B 356 -53.03 -11.39 11.05
CA ASN B 356 -52.12 -10.95 12.13
C ASN B 356 -51.32 -9.78 11.59
N VAL B 357 -52.02 -8.78 11.11
CA VAL B 357 -51.45 -7.58 10.53
C VAL B 357 -50.86 -6.54 11.50
N GLY B 358 -49.82 -5.85 11.05
CA GLY B 358 -49.36 -4.60 11.62
C GLY B 358 -48.95 -4.37 13.06
N ALA B 359 -48.19 -5.29 13.65
CA ALA B 359 -47.64 -5.04 14.97
C ALA B 359 -46.70 -3.86 14.85
N GLN B 360 -46.68 -2.99 15.85
CA GLN B 360 -45.87 -1.78 15.80
C GLN B 360 -45.13 -1.49 17.10
N LEU B 361 -43.93 -0.92 16.99
CA LEU B 361 -43.13 -0.59 18.17
C LEU B 361 -43.70 0.66 18.82
N THR B 362 -43.49 0.79 20.13
CA THR B 362 -43.95 1.97 20.85
C THR B 362 -42.81 2.33 21.78
N THR B 363 -42.86 3.52 22.39
CA THR B 363 -41.78 3.93 23.29
C THR B 363 -41.68 2.98 24.49
N GLU B 364 -42.74 2.22 24.72
CA GLU B 364 -42.79 1.28 25.84
C GLU B 364 -42.11 -0.06 25.54
N THR B 365 -41.82 -0.30 24.26
CA THR B 365 -41.19 -1.55 23.84
C THR B 365 -39.78 -1.68 24.42
N GLU B 366 -39.47 -2.83 25.00
CA GLU B 366 -38.15 -3.08 25.54
C GLU B 366 -37.40 -3.89 24.49
N VAL B 367 -36.25 -3.37 24.08
CA VAL B 367 -35.47 -4.01 23.03
C VAL B 367 -33.98 -4.24 23.34
N HIS B 368 -33.35 -5.03 22.49
CA HIS B 368 -31.90 -5.24 22.55
C HIS B 368 -31.51 -6.05 21.33
N MET B 369 -30.28 -5.83 20.89
CA MET B 369 -29.75 -6.46 19.69
C MET B 369 -30.13 -7.93 19.63
N LEU B 370 -30.51 -8.40 18.44
CA LEU B 370 -30.89 -9.80 18.25
C LEU B 370 -29.80 -10.72 18.82
N GLN B 371 -28.53 -10.40 18.52
CA GLN B 371 -27.41 -11.17 19.03
C GLN B 371 -26.21 -10.23 19.16
N ASP B 372 -25.19 -10.68 19.89
CA ASP B 372 -23.99 -9.89 20.18
C ASP B 372 -22.97 -9.71 19.04
N GLY B 373 -22.85 -10.72 18.18
CA GLY B 373 -21.89 -10.63 17.09
C GLY B 373 -22.47 -10.56 15.70
N ILE B 374 -23.57 -9.82 15.54
CA ILE B 374 -24.20 -9.67 14.23
C ILE B 374 -24.10 -8.26 13.67
N ALA B 375 -23.54 -7.32 14.44
CA ALA B 375 -23.43 -5.94 13.96
C ALA B 375 -22.17 -5.20 14.46
N ARG B 376 -21.79 -4.14 13.76
CA ARG B 376 -20.63 -3.35 14.14
C ARG B 376 -20.78 -1.93 13.59
N LEU B 377 -20.62 -0.95 14.48
CA LEU B 377 -20.72 0.46 14.09
C LEU B 377 -19.33 0.91 13.63
N VAL B 378 -19.28 1.53 12.45
CA VAL B 378 -18.03 1.96 11.85
C VAL B 378 -18.13 3.38 11.26
N GLY B 379 -17.04 4.13 11.36
CA GLY B 379 -17.04 5.48 10.80
C GLY B 379 -16.22 5.55 9.52
N GLU B 380 -16.76 6.18 8.49
CA GLU B 380 -16.06 6.33 7.21
C GLU B 380 -16.44 7.62 6.52
N GLY B 381 -15.43 8.42 6.18
CA GLY B 381 -15.65 9.68 5.50
C GLY B 381 -16.78 10.55 6.06
N GLY B 382 -16.74 10.80 7.37
CA GLY B 382 -17.75 11.65 7.99
C GLY B 382 -19.10 10.99 8.24
N HIS B 383 -19.30 9.78 7.73
CA HIS B 383 -20.56 9.07 7.94
C HIS B 383 -20.38 7.88 8.86
N LEU B 384 -21.49 7.43 9.44
CA LEU B 384 -21.45 6.27 10.33
C LEU B 384 -22.34 5.23 9.70
N PHE B 385 -21.84 3.99 9.64
CA PHE B 385 -22.58 2.89 9.05
C PHE B 385 -22.57 1.68 9.97
N LEU B 386 -23.71 1.03 10.09
CA LEU B 386 -23.81 -0.17 10.91
C LEU B 386 -23.77 -1.34 9.92
N TYR B 387 -22.74 -2.17 10.01
CA TYR B 387 -22.63 -3.34 9.13
C TYR B 387 -23.15 -4.50 9.94
N TYR B 388 -23.88 -5.39 9.28
CA TYR B 388 -24.46 -6.52 9.95
C TYR B 388 -24.29 -7.80 9.11
N THR B 389 -24.56 -8.94 9.74
CA THR B 389 -24.39 -10.25 9.12
C THR B 389 -25.66 -10.99 8.68
N VAL B 390 -26.80 -10.58 9.23
CA VAL B 390 -28.07 -11.25 8.99
C VAL B 390 -28.50 -11.52 7.56
N GLU B 391 -27.87 -10.89 6.58
CA GLU B 391 -28.21 -11.13 5.18
C GLU B 391 -27.02 -11.73 4.42
N ASN B 392 -26.02 -12.22 5.16
CA ASN B 392 -24.85 -12.84 4.55
C ASN B 392 -25.24 -14.21 4.06
N SER B 393 -24.52 -14.70 3.05
CA SER B 393 -24.79 -16.03 2.51
C SER B 393 -23.97 -17.02 3.30
N ARG B 394 -24.36 -18.28 3.24
CA ARG B 394 -23.61 -19.32 3.93
C ARG B 394 -22.37 -19.60 3.09
N VAL B 395 -22.32 -18.96 1.92
CA VAL B 395 -21.18 -19.07 1.00
C VAL B 395 -20.34 -17.83 1.21
N TYR B 396 -19.05 -18.03 1.42
CA TYR B 396 -18.11 -16.94 1.68
C TYR B 396 -18.09 -15.83 0.62
N HIS B 397 -18.48 -14.64 1.05
CA HIS B 397 -18.53 -13.43 0.21
C HIS B 397 -19.42 -13.50 -1.03
N LEU B 398 -20.52 -14.25 -0.95
CA LEU B 398 -21.43 -14.35 -2.08
C LEU B 398 -22.21 -13.04 -2.16
N GLU B 399 -22.66 -12.54 -1.01
CA GLU B 399 -23.37 -11.26 -0.99
C GLU B 399 -22.30 -10.27 -0.55
N GLU B 400 -22.36 -9.03 -1.03
CA GLU B 400 -21.36 -8.05 -0.64
C GLU B 400 -21.66 -7.39 0.72
N PRO B 401 -20.72 -6.58 1.26
CA PRO B 401 -20.92 -5.92 2.55
C PRO B 401 -22.26 -5.21 2.67
N LYS B 402 -23.01 -5.55 3.72
CA LYS B 402 -24.30 -4.92 3.93
C LYS B 402 -24.25 -3.98 5.12
N CYS B 403 -24.81 -2.79 4.96
CA CYS B 403 -24.85 -1.83 6.05
C CYS B 403 -26.04 -0.92 5.85
N LEU B 404 -26.29 -0.08 6.84
CA LEU B 404 -27.37 0.89 6.80
C LEU B 404 -26.78 2.09 7.52
N GLU B 405 -27.03 3.28 7.00
CA GLU B 405 -26.49 4.47 7.62
C GLU B 405 -27.18 4.80 8.93
N ILE B 406 -26.38 5.30 9.87
CA ILE B 406 -26.85 5.70 11.19
C ILE B 406 -26.65 7.20 11.30
N TYR B 407 -27.75 7.93 11.42
CA TYR B 407 -27.65 9.38 11.51
C TYR B 407 -27.18 9.85 12.90
N PRO B 408 -26.40 10.94 12.92
CA PRO B 408 -25.84 11.58 14.12
C PRO B 408 -26.74 11.57 15.36
N GLN B 409 -28.03 11.87 15.20
CA GLN B 409 -28.97 11.92 16.32
C GLN B 409 -29.33 10.53 16.83
N GLN B 410 -28.72 9.51 16.23
CA GLN B 410 -28.99 8.13 16.60
C GLN B 410 -27.72 7.42 17.05
N ALA B 411 -26.57 8.02 16.78
CA ALA B 411 -25.28 7.42 17.14
C ALA B 411 -25.12 7.05 18.62
N ASP B 412 -25.59 7.91 19.53
CA ASP B 412 -25.46 7.62 20.94
C ASP B 412 -26.30 6.41 21.32
N ALA B 413 -27.52 6.38 20.82
CA ALA B 413 -28.43 5.29 21.12
C ALA B 413 -27.99 3.97 20.48
N MET B 414 -27.35 4.06 19.31
CA MET B 414 -26.89 2.88 18.60
C MET B 414 -25.70 2.28 19.35
N GLU B 415 -24.84 3.15 19.89
CA GLU B 415 -23.68 2.71 20.66
C GLU B 415 -24.18 2.05 21.94
N LEU B 416 -25.20 2.65 22.54
CA LEU B 416 -25.78 2.11 23.77
C LEU B 416 -26.28 0.69 23.54
N LEU B 417 -27.15 0.53 22.54
CA LEU B 417 -27.70 -0.78 22.22
C LEU B 417 -26.59 -1.80 21.96
N LEU B 418 -25.55 -1.38 21.23
CA LEU B 418 -24.43 -2.28 20.93
C LEU B 418 -23.61 -2.68 22.14
N GLY B 419 -23.60 -1.84 23.17
CA GLY B 419 -22.81 -2.16 24.35
C GLY B 419 -23.57 -2.66 25.57
N SER B 420 -24.90 -2.76 25.50
CA SER B 420 -25.63 -3.25 26.67
C SER B 420 -26.15 -4.69 26.53
N TYR B 421 -25.90 -5.32 25.38
CA TYR B 421 -26.37 -6.67 25.18
C TYR B 421 -25.92 -7.62 26.31
N PRO B 422 -26.84 -8.40 26.87
CA PRO B 422 -28.23 -8.63 26.45
C PRO B 422 -29.22 -7.91 27.42
N GLU B 423 -28.88 -6.69 27.84
CA GLU B 423 -29.75 -5.94 28.73
C GLU B 423 -30.81 -5.19 27.93
N PHE B 424 -32.07 -5.29 28.39
CA PHE B 424 -33.19 -4.63 27.73
C PHE B 424 -33.25 -3.13 27.97
N VAL B 425 -33.58 -2.39 26.91
CA VAL B 425 -33.67 -0.95 26.97
C VAL B 425 -35.02 -0.47 26.43
N ARG B 426 -35.76 0.25 27.27
CA ARG B 426 -37.05 0.78 26.87
C ARG B 426 -36.71 1.74 25.73
N VAL B 427 -37.45 1.67 24.62
CA VAL B 427 -37.19 2.56 23.48
C VAL B 427 -37.22 4.04 23.88
N GLY B 428 -38.15 4.37 24.78
CA GLY B 428 -38.28 5.74 25.23
C GLY B 428 -37.09 6.27 26.02
N ASP B 429 -36.25 5.37 26.51
CA ASP B 429 -35.07 5.77 27.28
C ASP B 429 -33.77 5.80 26.48
N LEU B 430 -33.88 5.72 25.14
CA LEU B 430 -32.70 5.75 24.28
C LEU B 430 -32.21 7.18 24.15
N PRO B 431 -30.90 7.40 24.28
CA PRO B 431 -30.33 8.74 24.18
C PRO B 431 -30.50 9.37 22.80
N CYS B 432 -31.68 9.93 22.56
CA CYS B 432 -31.99 10.58 21.29
C CYS B 432 -32.53 11.97 21.56
N ASP B 433 -32.45 12.85 20.56
CA ASP B 433 -32.92 14.22 20.70
C ASP B 433 -34.45 14.29 20.78
N SER B 434 -35.12 13.55 19.91
CA SER B 434 -36.58 13.53 19.85
C SER B 434 -37.12 12.11 19.95
N VAL B 435 -38.42 11.99 20.18
CA VAL B 435 -39.04 10.67 20.28
C VAL B 435 -39.11 10.08 18.88
N GLU B 436 -39.22 10.95 17.88
CA GLU B 436 -39.28 10.50 16.50
C GLU B 436 -38.01 9.69 16.18
N ASP B 437 -36.89 10.15 16.74
CA ASP B 437 -35.60 9.48 16.53
C ASP B 437 -35.49 8.14 17.26
N GLN B 438 -36.12 8.04 18.43
CA GLN B 438 -36.08 6.82 19.21
C GLN B 438 -36.87 5.72 18.51
N LEU B 439 -38.12 6.03 18.17
CA LEU B 439 -38.97 5.07 17.50
C LEU B 439 -38.40 4.72 16.13
N SER B 440 -37.91 5.73 15.43
CA SER B 440 -37.33 5.53 14.10
C SER B 440 -36.11 4.59 14.09
N LEU B 441 -35.22 4.72 15.08
CA LEU B 441 -34.04 3.85 15.12
C LEU B 441 -34.48 2.44 15.44
N ALA B 442 -35.32 2.30 16.46
CA ALA B 442 -35.81 0.98 16.89
C ALA B 442 -36.63 0.28 15.80
N THR B 443 -37.38 1.06 15.03
CA THR B 443 -38.18 0.50 13.96
C THR B 443 -37.31 0.01 12.82
N THR B 444 -36.34 0.83 12.43
CA THR B 444 -35.44 0.49 11.35
C THR B 444 -34.59 -0.75 11.65
N LEU B 445 -34.09 -0.85 12.88
CA LEU B 445 -33.27 -1.99 13.26
C LEU B 445 -34.14 -3.24 13.37
N TYR B 446 -35.31 -3.09 13.96
CA TYR B 446 -36.22 -4.22 14.12
C TYR B 446 -36.64 -4.79 12.78
N ASP B 447 -37.02 -3.91 11.88
CA ASP B 447 -37.45 -4.33 10.56
C ASP B 447 -36.32 -4.98 9.79
N LYS B 448 -35.09 -4.68 10.19
CA LYS B 448 -33.90 -5.22 9.58
C LYS B 448 -33.51 -6.60 10.13
N GLY B 449 -34.07 -6.97 11.28
CA GLY B 449 -33.74 -8.24 11.87
C GLY B 449 -32.47 -8.12 12.72
N LEU B 450 -32.28 -6.94 13.28
CA LEU B 450 -31.09 -6.66 14.10
C LEU B 450 -31.49 -6.46 15.56
N LEU B 451 -32.80 -6.45 15.79
CA LEU B 451 -33.32 -6.21 17.13
C LEU B 451 -34.42 -7.18 17.55
N LEU B 452 -34.57 -7.38 18.86
CA LEU B 452 -35.63 -8.25 19.36
C LEU B 452 -36.27 -7.51 20.52
N THR B 453 -37.51 -7.87 20.84
CA THR B 453 -38.27 -7.25 21.91
C THR B 453 -38.48 -8.19 23.09
N LYS B 454 -38.67 -7.62 24.28
CA LYS B 454 -38.87 -8.43 25.47
C LYS B 454 -40.16 -9.23 25.35
N MET B 455 -41.22 -8.57 24.87
CA MET B 455 -42.51 -9.21 24.67
C MET B 455 -42.79 -9.16 23.18
N PRO B 456 -43.32 -10.25 22.61
CA PRO B 456 -43.60 -10.22 21.17
C PRO B 456 -44.59 -9.12 20.81
N LEU B 457 -44.28 -8.33 19.79
CA LEU B 457 -45.17 -7.26 19.37
C LEU B 457 -46.48 -7.91 18.95
N ALA B 458 -47.60 -7.29 19.30
CA ALA B 458 -48.90 -7.87 18.94
C ALA B 458 -49.86 -6.86 18.29
N LEU B 459 -49.54 -5.58 18.42
CA LEU B 459 -50.39 -4.53 17.84
C LEU B 459 -51.00 -4.92 16.49
N GLY C 8 -6.30 22.37 -4.08
CA GLY C 8 -6.22 23.69 -4.79
C GLY C 8 -5.72 23.55 -6.22
N GLY C 9 -4.90 22.53 -6.45
CA GLY C 9 -4.36 22.29 -7.77
C GLY C 9 -2.93 22.76 -7.81
N CYS C 10 -2.15 22.30 -8.79
CA CYS C 10 -0.77 22.72 -8.88
C CYS C 10 -0.70 24.09 -9.56
N ASN C 11 -0.70 25.14 -8.76
CA ASN C 11 -0.61 26.50 -9.29
C ASN C 11 0.59 26.52 -10.23
N HIS C 12 1.73 26.10 -9.71
CA HIS C 12 2.97 26.01 -10.49
C HIS C 12 3.01 24.54 -10.91
N GLN C 13 3.11 24.32 -12.22
CA GLN C 13 3.15 22.97 -12.77
C GLN C 13 4.58 22.44 -12.86
N HIS C 14 5.09 21.96 -11.72
CA HIS C 14 6.44 21.44 -11.61
C HIS C 14 6.88 20.47 -12.70
N ILE C 15 6.07 19.45 -13.00
CA ILE C 15 6.46 18.47 -14.00
C ILE C 15 6.25 18.88 -15.47
N GLY C 16 5.90 20.15 -15.69
CA GLY C 16 5.74 20.66 -17.04
C GLY C 16 4.54 20.24 -17.88
N LYS C 17 3.55 19.62 -17.25
CA LYS C 17 2.36 19.20 -17.96
C LYS C 17 1.25 19.13 -16.94
N PRO C 18 0.02 19.50 -17.34
CA PRO C 18 -1.09 19.47 -16.39
C PRO C 18 -1.54 18.03 -16.08
N SER C 19 -2.32 17.89 -15.01
CA SER C 19 -2.85 16.58 -14.61
C SER C 19 -4.14 16.75 -13.81
N GLY D 8 1.05 -22.14 -5.48
CA GLY D 8 2.00 -22.00 -4.32
C GLY D 8 1.76 -23.07 -3.27
N GLY D 9 0.62 -23.73 -3.38
CA GLY D 9 0.26 -24.77 -2.43
C GLY D 9 -0.83 -24.35 -1.48
N CYS D 10 -1.99 -24.99 -1.59
CA CYS D 10 -3.14 -24.72 -0.73
C CYS D 10 -3.85 -26.05 -0.58
N ASN D 11 -3.75 -26.63 0.59
CA ASN D 11 -4.34 -27.93 0.83
C ASN D 11 -5.74 -27.85 1.46
N HIS D 12 -5.87 -27.12 2.57
CA HIS D 12 -7.17 -26.96 3.22
C HIS D 12 -7.75 -25.67 2.67
N GLN D 13 -8.98 -25.75 2.17
CA GLN D 13 -9.66 -24.59 1.61
C GLN D 13 -10.54 -23.92 2.66
N HIS D 14 -9.90 -23.09 3.49
CA HIS D 14 -10.57 -22.37 4.58
C HIS D 14 -11.79 -21.54 4.16
N ILE D 15 -11.65 -20.72 3.12
CA ILE D 15 -12.77 -19.88 2.70
C ILE D 15 -13.92 -20.62 1.98
N GLY D 16 -13.82 -21.94 1.91
CA GLY D 16 -14.88 -22.74 1.30
C GLY D 16 -14.97 -22.77 -0.22
N LYS D 17 -13.91 -22.35 -0.90
CA LYS D 17 -13.86 -22.36 -2.35
C LYS D 17 -12.40 -22.26 -2.80
N PRO D 18 -12.13 -22.62 -4.05
CA PRO D 18 -10.78 -22.57 -4.61
C PRO D 18 -10.42 -21.15 -5.07
N SER D 19 -9.39 -21.05 -5.89
CA SER D 19 -8.94 -19.78 -6.46
C SER D 19 -8.37 -20.03 -7.85
MN MN E . 3.69 29.73 -7.17
C1 OGA F . 5.35 31.32 -9.06
C2 OGA F . 4.07 32.09 -8.97
C4 OGA F . 2.67 33.97 -9.58
C5 OGA F . 2.73 35.20 -10.47
O1 OGA F . 6.20 31.71 -9.81
O2 OGA F . 5.52 30.16 -8.36
O2' OGA F . 3.20 31.74 -8.26
O3 OGA F . 1.71 36.04 -10.48
N1 OGA F . 3.94 33.22 -9.68
O4 OGA F . 3.72 35.44 -11.11
C1 EDO G . 16.58 21.49 5.73
O1 EDO G . 17.04 20.32 6.41
C2 EDO G . 15.53 22.19 6.58
O2 EDO G . 14.36 21.36 6.70
C1 EDO H . -17.54 -5.49 20.16
O1 EDO H . -17.53 -6.89 20.42
C2 EDO H . -18.04 -4.69 21.37
O2 EDO H . -18.74 -5.55 22.30
MN MN I . -4.30 -30.08 6.15
C1 OGA J . -6.64 -31.65 7.03
C2 OGA J . -5.84 -32.54 6.11
C4 OGA J . -5.42 -34.66 5.03
C5 OGA J . -6.02 -36.03 4.94
O1 OGA J . -7.64 -32.10 7.52
O2 OGA J . -6.29 -30.35 7.25
O2' OGA J . -4.84 -32.15 5.59
O3 OGA J . -5.40 -36.94 4.21
N1 OGA J . -6.24 -33.81 5.91
O4 OGA J . -7.04 -36.32 5.55
C1 EDO K . 15.13 11.26 -5.91
O1 EDO K . 15.05 12.68 -5.76
C2 EDO K . 15.75 10.64 -4.66
O2 EDO K . 14.75 10.60 -3.63
C1 EDO L . -11.25 -10.21 12.51
O1 EDO L . -10.99 -11.59 12.76
C2 EDO L . -10.57 -9.35 13.59
O2 EDO L . -9.17 -9.43 13.44
C1 EDO M . -0.89 -16.87 21.69
O1 EDO M . -1.07 -16.66 23.10
C2 EDO M . 0.29 -17.79 21.44
O2 EDO M . 0.98 -17.38 20.24
#